data_2RPJ
#
_entry.id   2RPJ
#
_cell.length_a   1.000
_cell.length_b   1.000
_cell.length_c   1.000
_cell.angle_alpha   90.00
_cell.angle_beta   90.00
_cell.angle_gamma   90.00
#
_symmetry.space_group_name_H-M   'P 1'
#
_entity_poly.entity_id   1
_entity_poly.type   'polypeptide(L)'
_entity_poly.pdbx_seq_one_letter_code
;GSSGSSGEQAPGTAPCSRGSSWSADLDKCMDCASCRARPHSDFCLGCAAA
;
_entity_poly.pdbx_strand_id   A
#
# COMPACT_ATOMS: atom_id res chain seq x y z
N GLY A 1 -13.33 -23.52 -8.73
CA GLY A 1 -12.61 -22.63 -9.63
C GLY A 1 -11.16 -22.47 -9.26
N SER A 2 -10.49 -23.58 -9.00
CA SER A 2 -9.07 -23.56 -8.61
C SER A 2 -8.18 -23.65 -9.84
N SER A 3 -8.54 -24.54 -10.77
CA SER A 3 -7.77 -24.72 -11.99
C SER A 3 -7.84 -23.48 -12.87
N GLY A 4 -6.69 -22.86 -13.11
CA GLY A 4 -6.63 -21.67 -13.93
C GLY A 4 -5.60 -20.67 -13.44
N SER A 5 -5.87 -20.05 -12.29
CA SER A 5 -4.96 -19.07 -11.72
C SER A 5 -4.11 -19.69 -10.62
N SER A 6 -2.86 -19.25 -10.53
CA SER A 6 -1.94 -19.77 -9.52
C SER A 6 -0.85 -18.75 -9.20
N GLY A 7 0.15 -19.17 -8.44
CA GLY A 7 1.23 -18.27 -8.06
C GLY A 7 0.99 -17.59 -6.73
N GLU A 8 0.58 -16.33 -6.80
CA GLU A 8 0.31 -15.55 -5.59
C GLU A 8 -0.53 -14.32 -5.90
N GLN A 9 -1.50 -14.03 -5.04
CA GLN A 9 -2.37 -12.88 -5.23
C GLN A 9 -1.68 -11.59 -4.80
N ALA A 10 -1.14 -10.87 -5.77
CA ALA A 10 -0.45 -9.61 -5.50
C ALA A 10 -1.37 -8.41 -5.70
N PRO A 11 -1.01 -7.27 -5.11
CA PRO A 11 -1.79 -6.03 -5.21
C PRO A 11 -1.75 -5.43 -6.61
N GLY A 12 -2.37 -4.28 -6.77
CA GLY A 12 -2.39 -3.61 -8.07
C GLY A 12 -1.97 -2.16 -7.98
N THR A 13 -2.42 -1.47 -6.94
CA THR A 13 -2.08 -0.07 -6.74
C THR A 13 -1.37 0.16 -5.42
N ALA A 14 -0.70 -0.88 -4.93
CA ALA A 14 0.03 -0.80 -3.67
C ALA A 14 0.98 -1.99 -3.52
N PRO A 15 2.05 -2.00 -4.32
CA PRO A 15 3.06 -3.06 -4.29
C PRO A 15 3.90 -3.03 -3.02
N CYS A 16 3.33 -3.54 -1.92
CA CYS A 16 4.03 -3.57 -0.64
C CYS A 16 3.93 -4.94 0.00
N SER A 17 4.35 -5.03 1.25
CA SER A 17 4.31 -6.30 1.98
C SER A 17 3.23 -6.27 3.06
N ARG A 18 3.23 -7.28 3.91
CA ARG A 18 2.24 -7.38 4.99
C ARG A 18 2.46 -6.27 6.03
N GLY A 19 1.46 -5.41 6.18
CA GLY A 19 1.56 -4.33 7.14
C GLY A 19 2.21 -3.09 6.55
N SER A 20 1.69 -2.64 5.41
CA SER A 20 2.23 -1.46 4.75
C SER A 20 1.19 -0.85 3.79
N SER A 21 1.30 0.45 3.57
CA SER A 21 0.38 1.16 2.69
C SER A 21 1.13 2.10 1.74
N TRP A 22 0.83 2.00 0.46
CA TRP A 22 1.46 2.84 -0.55
C TRP A 22 0.72 4.15 -0.72
N SER A 23 1.41 5.27 -0.53
CA SER A 23 0.81 6.58 -0.67
C SER A 23 1.20 7.23 -1.98
N ALA A 24 0.21 7.74 -2.71
CA ALA A 24 0.46 8.38 -4.00
C ALA A 24 1.03 9.78 -3.81
N ASP A 25 0.95 10.29 -2.58
CA ASP A 25 1.45 11.62 -2.26
C ASP A 25 2.98 11.66 -2.39
N LEU A 26 3.64 10.81 -1.61
CA LEU A 26 5.10 10.76 -1.62
C LEU A 26 5.59 9.60 -2.49
N ASP A 27 4.68 8.68 -2.82
CA ASP A 27 5.01 7.53 -3.65
C ASP A 27 6.02 6.63 -2.94
N LYS A 28 5.53 5.80 -2.02
CA LYS A 28 6.38 4.89 -1.27
C LYS A 28 5.54 3.97 -0.38
N CYS A 29 6.13 2.85 0.01
CA CYS A 29 5.44 1.89 0.86
C CYS A 29 5.63 2.24 2.33
N MET A 30 4.62 2.90 2.91
CA MET A 30 4.67 3.29 4.31
C MET A 30 4.23 2.15 5.21
N ASP A 31 4.46 2.30 6.51
CA ASP A 31 4.09 1.28 7.48
C ASP A 31 2.85 1.70 8.27
N CYS A 32 1.93 0.76 8.46
CA CYS A 32 0.70 1.03 9.20
C CYS A 32 1.01 1.61 10.58
N ALA A 33 2.18 1.27 11.11
CA ALA A 33 2.59 1.75 12.42
C ALA A 33 2.75 3.26 12.43
N SER A 34 3.02 3.82 11.24
CA SER A 34 3.20 5.27 11.12
C SER A 34 1.95 6.01 11.59
N CYS A 35 0.80 5.35 11.52
CA CYS A 35 -0.45 5.94 11.94
C CYS A 35 -0.34 6.52 13.35
N ARG A 36 0.51 5.90 14.17
CA ARG A 36 0.71 6.34 15.53
C ARG A 36 1.03 7.84 15.59
N ALA A 37 1.67 8.34 14.54
CA ALA A 37 2.03 9.75 14.46
C ALA A 37 1.22 10.47 13.40
N ARG A 38 0.84 9.74 12.34
CA ARG A 38 0.06 10.30 11.25
C ARG A 38 -1.24 9.52 11.06
N PRO A 39 -2.16 9.65 12.03
CA PRO A 39 -3.46 8.97 11.99
C PRO A 39 -4.37 9.54 10.91
N HIS A 40 -4.04 10.73 10.42
CA HIS A 40 -4.83 11.38 9.38
C HIS A 40 -4.06 11.44 8.06
N SER A 41 -3.56 10.29 7.63
CA SER A 41 -2.79 10.22 6.39
C SER A 41 -3.49 9.32 5.38
N ASP A 42 -3.22 9.56 4.09
CA ASP A 42 -3.82 8.77 3.02
C ASP A 42 -3.48 7.29 3.19
N PHE A 43 -2.19 7.00 3.29
CA PHE A 43 -1.73 5.61 3.44
C PHE A 43 -2.27 5.01 4.74
N CYS A 44 -2.53 5.87 5.73
CA CYS A 44 -3.05 5.41 7.01
C CYS A 44 -4.43 4.79 6.86
N LEU A 45 -5.35 5.55 6.26
CA LEU A 45 -6.71 5.08 6.05
C LEU A 45 -6.75 3.99 4.98
N GLY A 46 -5.84 4.08 4.03
CA GLY A 46 -5.79 3.09 2.95
C GLY A 46 -5.22 1.77 3.42
N CYS A 47 -4.35 1.82 4.42
CA CYS A 47 -3.72 0.61 4.95
C CYS A 47 -4.79 -0.43 5.33
N ALA A 48 -5.47 -0.18 6.44
CA ALA A 48 -6.51 -1.09 6.91
C ALA A 48 -7.61 -1.26 5.87
N ALA A 49 -7.68 -2.45 5.27
CA ALA A 49 -8.69 -2.73 4.26
C ALA A 49 -8.65 -1.70 3.14
N ALA A 50 -7.81 -1.94 2.15
CA ALA A 50 -7.67 -1.04 1.01
C ALA A 50 -8.89 -1.09 0.12
N GLY A 1 11.04 -25.00 -27.65
CA GLY A 1 10.50 -24.74 -26.34
C GLY A 1 9.86 -23.38 -26.23
N SER A 2 10.43 -22.51 -25.39
CA SER A 2 9.91 -21.17 -25.19
C SER A 2 8.44 -21.21 -24.78
N SER A 3 8.20 -21.37 -23.49
CA SER A 3 6.85 -21.42 -22.96
C SER A 3 6.53 -20.18 -22.13
N GLY A 4 6.02 -19.14 -22.79
CA GLY A 4 5.68 -17.92 -22.09
C GLY A 4 4.84 -16.99 -22.93
N SER A 5 3.58 -16.82 -22.56
CA SER A 5 2.67 -15.95 -23.29
C SER A 5 2.22 -14.77 -22.43
N SER A 6 1.84 -15.07 -21.19
CA SER A 6 1.38 -14.03 -20.26
C SER A 6 1.34 -14.57 -18.84
N GLY A 7 1.29 -13.65 -17.87
CA GLY A 7 1.25 -14.05 -16.48
C GLY A 7 2.23 -13.28 -15.62
N GLU A 8 1.87 -12.04 -15.28
CA GLU A 8 2.74 -11.19 -14.46
C GLU A 8 2.43 -11.38 -12.99
N GLN A 9 1.14 -11.50 -12.65
CA GLN A 9 0.72 -11.68 -11.27
C GLN A 9 1.27 -10.58 -10.38
N ALA A 10 0.58 -9.45 -10.34
CA ALA A 10 1.00 -8.31 -9.52
C ALA A 10 -0.20 -7.52 -9.03
N PRO A 11 0.01 -6.72 -7.96
CA PRO A 11 -1.04 -5.89 -7.38
C PRO A 11 -1.45 -4.73 -8.29
N GLY A 12 -0.45 -4.01 -8.80
CA GLY A 12 -0.72 -2.89 -9.68
C GLY A 12 -1.54 -1.81 -9.01
N THR A 13 -1.16 -1.46 -7.77
CA THR A 13 -1.87 -0.45 -7.02
C THR A 13 -1.19 -0.18 -5.68
N ALA A 14 -0.71 -1.25 -5.05
CA ALA A 14 -0.04 -1.13 -3.76
C ALA A 14 0.98 -2.25 -3.57
N PRO A 15 2.06 -2.21 -4.37
CA PRO A 15 3.13 -3.20 -4.30
C PRO A 15 3.95 -3.10 -3.03
N CYS A 16 3.40 -3.63 -1.94
CA CYS A 16 4.10 -3.59 -0.65
C CYS A 16 4.04 -4.96 0.03
N SER A 17 4.48 -5.00 1.29
CA SER A 17 4.48 -6.25 2.04
C SER A 17 3.37 -6.25 3.09
N ARG A 18 3.39 -7.25 3.97
CA ARG A 18 2.39 -7.37 5.02
C ARG A 18 2.53 -6.25 6.05
N GLY A 19 1.49 -5.42 6.17
CA GLY A 19 1.52 -4.33 7.11
C GLY A 19 2.17 -3.09 6.54
N SER A 20 1.67 -2.65 5.39
CA SER A 20 2.21 -1.46 4.73
C SER A 20 1.17 -0.85 3.79
N SER A 21 1.30 0.45 3.55
CA SER A 21 0.37 1.16 2.67
C SER A 21 1.13 2.10 1.73
N TRP A 22 0.82 2.00 0.43
CA TRP A 22 1.47 2.84 -0.56
C TRP A 22 0.71 4.15 -0.74
N SER A 23 1.41 5.26 -0.54
CA SER A 23 0.82 6.58 -0.68
C SER A 23 1.21 7.23 -2.01
N ALA A 24 0.23 7.73 -2.73
CA ALA A 24 0.48 8.38 -4.02
C ALA A 24 1.05 9.78 -3.82
N ASP A 25 0.96 10.29 -2.60
CA ASP A 25 1.47 11.62 -2.28
C ASP A 25 2.99 11.66 -2.41
N LEU A 26 3.66 10.82 -1.62
CA LEU A 26 5.12 10.75 -1.63
C LEU A 26 5.61 9.59 -2.50
N ASP A 27 4.69 8.68 -2.82
CA ASP A 27 5.03 7.53 -3.65
C ASP A 27 6.04 6.62 -2.94
N LYS A 28 5.54 5.81 -2.02
CA LYS A 28 6.38 4.88 -1.28
C LYS A 28 5.55 3.97 -0.39
N CYS A 29 6.13 2.84 0.01
CA CYS A 29 5.44 1.87 0.86
C CYS A 29 5.62 2.23 2.33
N MET A 30 4.61 2.89 2.90
CA MET A 30 4.67 3.29 4.31
C MET A 30 4.21 2.14 5.20
N ASP A 31 4.44 2.30 6.50
CA ASP A 31 4.07 1.28 7.47
C ASP A 31 2.84 1.71 8.27
N CYS A 32 1.91 0.79 8.47
CA CYS A 32 0.69 1.07 9.21
C CYS A 32 1.01 1.64 10.59
N ALA A 33 2.18 1.27 11.11
CA ALA A 33 2.60 1.75 12.42
C ALA A 33 2.77 3.26 12.43
N SER A 34 3.03 3.82 11.26
CA SER A 34 3.22 5.27 11.12
C SER A 34 1.98 6.03 11.60
N CYS A 35 0.83 5.36 11.51
CA CYS A 35 -0.43 5.96 11.93
C CYS A 35 -0.32 6.53 13.35
N ARG A 36 0.53 5.92 14.16
CA ARG A 36 0.72 6.36 15.54
C ARG A 36 1.04 7.85 15.59
N ALA A 37 1.69 8.35 14.55
CA ALA A 37 2.06 9.76 14.47
C ALA A 37 1.24 10.48 13.40
N ARG A 38 0.81 9.72 12.39
CA ARG A 38 0.02 10.29 11.30
C ARG A 38 -1.28 9.51 11.10
N PRO A 39 -2.20 9.63 12.07
CA PRO A 39 -3.49 8.95 12.02
C PRO A 39 -4.40 9.51 10.93
N HIS A 40 -4.08 10.71 10.45
CA HIS A 40 -4.87 11.35 9.41
C HIS A 40 -4.09 11.44 8.11
N SER A 41 -3.59 10.30 7.64
CA SER A 41 -2.82 10.24 6.40
C SER A 41 -3.51 9.35 5.37
N ASP A 42 -3.21 9.59 4.10
CA ASP A 42 -3.79 8.80 3.01
C ASP A 42 -3.47 7.32 3.18
N PHE A 43 -2.17 7.02 3.28
CA PHE A 43 -1.73 5.64 3.43
C PHE A 43 -2.26 5.03 4.73
N CYS A 44 -2.52 5.88 5.71
CA CYS A 44 -3.04 5.44 6.99
C CYS A 44 -4.41 4.81 6.84
N LEU A 45 -5.34 5.58 6.26
CA LEU A 45 -6.70 5.10 6.05
C LEU A 45 -6.73 4.01 4.99
N GLY A 46 -5.84 4.10 4.00
CA GLY A 46 -5.79 3.12 2.94
C GLY A 46 -5.22 1.80 3.41
N CYS A 47 -4.35 1.85 4.41
CA CYS A 47 -3.72 0.65 4.95
C CYS A 47 -4.77 -0.40 5.31
N ALA A 48 -5.48 -0.15 6.42
CA ALA A 48 -6.52 -1.08 6.87
C ALA A 48 -7.60 -1.25 5.82
N ALA A 49 -8.32 -2.36 5.89
CA ALA A 49 -9.39 -2.64 4.94
C ALA A 49 -10.76 -2.27 5.52
N ALA A 50 -11.08 -2.84 6.67
CA ALA A 50 -12.35 -2.57 7.33
C ALA A 50 -13.52 -2.96 6.43
N GLY A 1 17.57 -5.03 -25.26
CA GLY A 1 16.99 -4.57 -24.01
C GLY A 1 17.48 -5.37 -22.81
N SER A 2 16.59 -5.61 -21.86
CA SER A 2 16.94 -6.36 -20.65
C SER A 2 16.68 -7.85 -20.85
N SER A 3 17.14 -8.65 -19.89
CA SER A 3 16.96 -10.10 -19.95
C SER A 3 16.16 -10.59 -18.75
N GLY A 4 14.86 -10.34 -18.77
CA GLY A 4 14.00 -10.77 -17.68
C GLY A 4 13.59 -12.22 -17.81
N SER A 5 13.59 -12.94 -16.68
CA SER A 5 13.21 -14.34 -16.67
C SER A 5 11.72 -14.51 -16.87
N SER A 6 10.93 -13.87 -16.01
CA SER A 6 9.47 -13.95 -16.09
C SER A 6 8.88 -12.61 -16.49
N GLY A 7 7.56 -12.56 -16.62
CA GLY A 7 6.88 -11.33 -16.99
C GLY A 7 6.72 -10.38 -15.83
N GLU A 8 6.69 -10.93 -14.62
CA GLU A 8 6.53 -10.13 -13.41
C GLU A 8 5.30 -9.24 -13.51
N GLN A 9 4.15 -9.78 -13.10
CA GLN A 9 2.90 -9.03 -13.14
C GLN A 9 2.84 -8.00 -12.02
N ALA A 10 2.93 -8.47 -10.78
CA ALA A 10 2.88 -7.59 -9.63
C ALA A 10 1.54 -6.88 -9.53
N PRO A 11 1.22 -6.37 -8.33
CA PRO A 11 -0.04 -5.66 -8.08
C PRO A 11 -0.08 -4.30 -8.77
N GLY A 12 0.99 -3.53 -8.60
CA GLY A 12 1.06 -2.21 -9.22
C GLY A 12 0.40 -1.14 -8.37
N THR A 13 -0.84 -1.39 -7.96
CA THR A 13 -1.59 -0.43 -7.15
C THR A 13 -0.87 -0.18 -5.83
N ALA A 14 -0.69 -1.23 -5.04
CA ALA A 14 -0.02 -1.12 -3.75
C ALA A 14 1.00 -2.24 -3.57
N PRO A 15 2.09 -2.20 -4.36
CA PRO A 15 3.16 -3.20 -4.31
C PRO A 15 3.98 -3.09 -3.02
N CYS A 16 3.43 -3.63 -1.94
CA CYS A 16 4.11 -3.59 -0.64
C CYS A 16 4.04 -4.96 0.04
N SER A 17 4.46 -5.01 1.30
CA SER A 17 4.46 -6.26 2.05
C SER A 17 3.37 -6.24 3.11
N ARG A 18 3.31 -7.29 3.93
CA ARG A 18 2.31 -7.40 4.98
C ARG A 18 2.50 -6.30 6.02
N GLY A 19 1.48 -5.44 6.15
CA GLY A 19 1.55 -4.35 7.11
C GLY A 19 2.19 -3.11 6.53
N SER A 20 1.69 -2.66 5.39
CA SER A 20 2.22 -1.47 4.73
C SER A 20 1.19 -0.86 3.79
N SER A 21 1.30 0.45 3.55
CA SER A 21 0.38 1.15 2.67
C SER A 21 1.13 2.10 1.74
N TRP A 22 0.83 2.00 0.44
CA TRP A 22 1.47 2.84 -0.55
C TRP A 22 0.72 4.15 -0.74
N SER A 23 1.41 5.27 -0.53
CA SER A 23 0.80 6.58 -0.66
C SER A 23 1.21 7.23 -1.99
N ALA A 24 0.22 7.73 -2.72
CA ALA A 24 0.46 8.39 -4.00
C ALA A 24 1.04 9.79 -3.80
N ASP A 25 0.94 10.29 -2.58
CA ASP A 25 1.45 11.62 -2.26
C ASP A 25 2.97 11.66 -2.37
N LEU A 26 3.64 10.83 -1.59
CA LEU A 26 5.09 10.76 -1.60
C LEU A 26 5.58 9.62 -2.47
N ASP A 27 4.69 8.70 -2.80
CA ASP A 27 5.02 7.54 -3.63
C ASP A 27 6.03 6.64 -2.92
N LYS A 28 5.53 5.82 -2.01
CA LYS A 28 6.39 4.90 -1.26
C LYS A 28 5.54 3.98 -0.37
N CYS A 29 6.13 2.85 0.03
CA CYS A 29 5.44 1.89 0.87
C CYS A 29 5.62 2.24 2.34
N MET A 30 4.61 2.90 2.91
CA MET A 30 4.65 3.29 4.31
C MET A 30 4.21 2.14 5.22
N ASP A 31 4.44 2.30 6.52
CA ASP A 31 4.06 1.27 7.48
C ASP A 31 2.83 1.70 8.28
N CYS A 32 1.91 0.76 8.47
CA CYS A 32 0.68 1.03 9.22
C CYS A 32 1.00 1.61 10.59
N ALA A 33 2.16 1.26 11.12
CA ALA A 33 2.60 1.73 12.43
C ALA A 33 2.77 3.25 12.42
N SER A 34 3.03 3.81 11.26
CA SER A 34 3.23 5.25 11.12
C SER A 34 1.98 6.00 11.59
N CYS A 35 0.82 5.35 11.51
CA CYS A 35 -0.42 5.96 11.92
C CYS A 35 -0.32 6.54 13.33
N ARG A 36 0.52 5.93 14.15
CA ARG A 36 0.72 6.38 15.52
C ARG A 36 1.05 7.87 15.56
N ALA A 37 1.70 8.36 14.51
CA ALA A 37 2.07 9.76 14.42
C ALA A 37 1.26 10.48 13.35
N ARG A 38 0.83 9.72 12.34
CA ARG A 38 0.04 10.29 11.24
C ARG A 38 -1.25 9.51 11.05
N PRO A 39 -2.17 9.65 12.03
CA PRO A 39 -3.47 8.96 11.98
C PRO A 39 -4.39 9.53 10.91
N HIS A 40 -4.06 10.72 10.42
CA HIS A 40 -4.85 11.37 9.38
C HIS A 40 -4.07 11.43 8.06
N SER A 41 -3.58 10.29 7.61
CA SER A 41 -2.83 10.22 6.36
C SER A 41 -3.52 9.31 5.35
N ASP A 42 -3.25 9.55 4.07
CA ASP A 42 -3.84 8.76 3.01
C ASP A 42 -3.50 7.28 3.17
N PHE A 43 -2.21 6.98 3.27
CA PHE A 43 -1.75 5.61 3.43
C PHE A 43 -2.28 5.00 4.74
N CYS A 44 -2.54 5.86 5.71
CA CYS A 44 -3.06 5.41 7.01
C CYS A 44 -4.44 4.79 6.85
N LEU A 45 -5.37 5.54 6.25
CA LEU A 45 -6.73 5.06 6.04
C LEU A 45 -6.76 3.97 4.98
N GLY A 46 -5.85 4.06 4.02
CA GLY A 46 -5.79 3.08 2.95
C GLY A 46 -5.22 1.75 3.42
N CYS A 47 -4.35 1.80 4.42
CA CYS A 47 -3.72 0.60 4.95
C CYS A 47 -4.78 -0.44 5.33
N ALA A 48 -5.46 -0.19 6.44
CA ALA A 48 -6.50 -1.10 6.91
C ALA A 48 -7.60 -1.27 5.87
N ALA A 49 -7.76 -2.50 5.38
CA ALA A 49 -8.76 -2.79 4.36
C ALA A 49 -9.83 -3.75 4.92
N ALA A 50 -11.05 -3.25 5.03
CA ALA A 50 -12.15 -4.06 5.55
C ALA A 50 -13.44 -3.77 4.79
N GLY A 1 -16.33 -10.55 -13.72
CA GLY A 1 -15.19 -9.75 -14.12
C GLY A 1 -13.88 -10.33 -13.64
N SER A 2 -13.93 -11.13 -12.58
CA SER A 2 -12.74 -11.75 -12.02
C SER A 2 -12.18 -12.80 -12.97
N SER A 3 -11.20 -12.39 -13.77
CA SER A 3 -10.57 -13.29 -14.72
C SER A 3 -9.11 -13.56 -14.36
N GLY A 4 -8.45 -14.40 -15.14
CA GLY A 4 -7.06 -14.73 -14.88
C GLY A 4 -6.34 -15.23 -16.11
N SER A 5 -6.60 -16.48 -16.49
CA SER A 5 -5.97 -17.07 -17.65
C SER A 5 -4.45 -17.03 -17.54
N SER A 6 -3.96 -17.11 -16.30
CA SER A 6 -2.52 -17.08 -16.05
C SER A 6 -1.91 -15.78 -16.58
N GLY A 7 -1.85 -14.77 -15.73
CA GLY A 7 -1.29 -13.49 -16.14
C GLY A 7 -0.94 -12.61 -14.95
N GLU A 8 -1.92 -12.35 -14.09
CA GLU A 8 -1.71 -11.52 -12.92
C GLU A 8 -0.73 -12.17 -11.96
N GLN A 9 0.51 -11.69 -11.96
CA GLN A 9 1.55 -12.24 -11.09
C GLN A 9 1.85 -11.28 -9.94
N ALA A 10 1.97 -10.00 -10.27
CA ALA A 10 2.26 -8.98 -9.27
C ALA A 10 1.18 -7.91 -9.24
N PRO A 11 1.10 -7.17 -8.12
CA PRO A 11 0.11 -6.11 -7.95
C PRO A 11 0.39 -4.90 -8.85
N GLY A 12 -0.56 -3.99 -8.90
CA GLY A 12 -0.42 -2.80 -9.73
C GLY A 12 -1.07 -1.57 -9.12
N THR A 13 -1.09 -1.51 -7.80
CA THR A 13 -1.70 -0.39 -7.09
C THR A 13 -1.00 -0.13 -5.76
N ALA A 14 -0.68 -1.22 -5.04
CA ALA A 14 -0.01 -1.11 -3.75
C ALA A 14 0.99 -2.23 -3.57
N PRO A 15 2.08 -2.19 -4.36
CA PRO A 15 3.15 -3.19 -4.31
C PRO A 15 3.97 -3.10 -3.03
N CYS A 16 3.42 -3.62 -1.94
CA CYS A 16 4.10 -3.59 -0.65
C CYS A 16 4.04 -4.96 0.03
N SER A 17 4.46 -5.01 1.29
CA SER A 17 4.45 -6.26 2.04
C SER A 17 3.36 -6.24 3.11
N ARG A 18 3.30 -7.30 3.91
CA ARG A 18 2.30 -7.41 4.97
C ARG A 18 2.49 -6.31 6.01
N GLY A 19 1.49 -5.44 6.14
CA GLY A 19 1.57 -4.36 7.10
C GLY A 19 2.21 -3.12 6.52
N SER A 20 1.69 -2.66 5.39
CA SER A 20 2.22 -1.48 4.73
C SER A 20 1.19 -0.86 3.79
N SER A 21 1.31 0.44 3.55
CA SER A 21 0.38 1.15 2.68
C SER A 21 1.12 2.09 1.74
N TRP A 22 0.83 1.99 0.45
CA TRP A 22 1.47 2.84 -0.55
C TRP A 22 0.72 4.15 -0.72
N SER A 23 1.41 5.27 -0.53
CA SER A 23 0.80 6.59 -0.66
C SER A 23 1.20 7.23 -1.98
N ALA A 24 0.21 7.74 -2.71
CA ALA A 24 0.45 8.39 -3.99
C ALA A 24 1.03 9.79 -3.80
N ASP A 25 0.94 10.29 -2.57
CA ASP A 25 1.44 11.62 -2.25
C ASP A 25 2.96 11.67 -2.37
N LEU A 26 3.63 10.83 -1.58
CA LEU A 26 5.09 10.76 -1.60
C LEU A 26 5.58 9.62 -2.47
N ASP A 27 4.67 8.70 -2.79
CA ASP A 27 5.02 7.55 -3.63
C ASP A 27 6.03 6.64 -2.92
N LYS A 28 5.53 5.82 -2.01
CA LYS A 28 6.37 4.90 -1.26
C LYS A 28 5.54 3.98 -0.37
N CYS A 29 6.13 2.85 0.03
CA CYS A 29 5.44 1.89 0.87
C CYS A 29 5.62 2.24 2.34
N MET A 30 4.61 2.90 2.91
CA MET A 30 4.66 3.29 4.32
C MET A 30 4.22 2.14 5.22
N ASP A 31 4.44 2.29 6.52
CA ASP A 31 4.08 1.26 7.48
C ASP A 31 2.84 1.68 8.28
N CYS A 32 1.92 0.75 8.47
CA CYS A 32 0.69 1.02 9.21
C CYS A 32 1.00 1.60 10.59
N ALA A 33 2.18 1.25 11.12
CA ALA A 33 2.59 1.73 12.42
C ALA A 33 2.76 3.25 12.43
N SER A 34 3.02 3.81 11.25
CA SER A 34 3.21 5.25 11.11
C SER A 34 1.97 6.00 11.58
N CYS A 35 0.82 5.35 11.51
CA CYS A 35 -0.43 5.95 11.93
C CYS A 35 -0.32 6.53 13.34
N ARG A 36 0.53 5.92 14.16
CA ARG A 36 0.74 6.36 15.53
C ARG A 36 1.05 7.85 15.57
N ALA A 37 1.68 8.35 14.52
CA ALA A 37 2.04 9.76 14.43
C ALA A 37 1.20 10.47 13.37
N ARG A 38 0.86 9.76 12.31
CA ARG A 38 0.07 10.32 11.22
C ARG A 38 -1.24 9.54 11.03
N PRO A 39 -2.15 9.67 12.01
CA PRO A 39 -3.44 8.98 11.97
C PRO A 39 -4.37 9.54 10.90
N HIS A 40 -4.03 10.73 10.40
CA HIS A 40 -4.84 11.37 9.37
C HIS A 40 -4.07 11.43 8.04
N SER A 41 -3.56 10.29 7.62
CA SER A 41 -2.80 10.21 6.38
C SER A 41 -3.49 9.30 5.36
N ASP A 42 -3.23 9.54 4.08
CA ASP A 42 -3.83 8.74 3.02
C ASP A 42 -3.49 7.27 3.18
N PHE A 43 -2.20 6.98 3.29
CA PHE A 43 -1.73 5.60 3.45
C PHE A 43 -2.27 4.99 4.74
N CYS A 44 -2.53 5.85 5.73
CA CYS A 44 -3.04 5.40 7.02
C CYS A 44 -4.43 4.77 6.87
N LEU A 45 -5.35 5.53 6.29
CA LEU A 45 -6.71 5.06 6.08
C LEU A 45 -6.75 3.97 5.01
N GLY A 46 -5.84 4.06 4.05
CA GLY A 46 -5.78 3.08 2.98
C GLY A 46 -5.22 1.75 3.44
N CYS A 47 -4.33 1.80 4.43
CA CYS A 47 -3.71 0.60 4.96
C CYS A 47 -4.76 -0.44 5.34
N ALA A 48 -5.45 -0.21 6.45
CA ALA A 48 -6.48 -1.11 6.92
C ALA A 48 -7.58 -1.28 5.88
N ALA A 49 -8.00 -2.52 5.66
CA ALA A 49 -9.04 -2.82 4.69
C ALA A 49 -9.54 -4.25 4.84
N ALA A 50 -10.86 -4.43 4.81
CA ALA A 50 -11.46 -5.74 4.93
C ALA A 50 -10.96 -6.69 3.85
N GLY A 1 -3.85 -7.86 -17.20
CA GLY A 1 -4.59 -9.06 -16.84
C GLY A 1 -5.71 -9.36 -17.80
N SER A 2 -6.22 -8.33 -18.47
CA SER A 2 -7.31 -8.50 -19.43
C SER A 2 -6.89 -9.41 -20.57
N SER A 3 -7.30 -10.67 -20.48
CA SER A 3 -6.97 -11.66 -21.51
C SER A 3 -5.46 -11.77 -21.68
N GLY A 4 -4.75 -11.88 -20.57
CA GLY A 4 -3.30 -12.01 -20.62
C GLY A 4 -2.67 -12.04 -19.24
N SER A 5 -2.24 -13.23 -18.83
CA SER A 5 -1.61 -13.39 -17.51
C SER A 5 -0.53 -14.46 -17.57
N SER A 6 0.65 -14.06 -18.06
CA SER A 6 1.78 -14.98 -18.16
C SER A 6 2.60 -14.98 -16.89
N GLY A 7 2.52 -16.08 -16.13
CA GLY A 7 3.25 -16.19 -14.89
C GLY A 7 2.35 -16.15 -13.67
N GLU A 8 2.32 -15.01 -12.99
CA GLU A 8 1.49 -14.86 -11.80
C GLU A 8 0.82 -13.49 -11.78
N GLN A 9 0.08 -13.22 -10.71
CA GLN A 9 -0.61 -11.94 -10.56
C GLN A 9 0.00 -11.11 -9.45
N ALA A 10 0.99 -10.29 -9.80
CA ALA A 10 1.66 -9.43 -8.82
C ALA A 10 0.88 -8.15 -8.59
N PRO A 11 1.15 -7.49 -7.45
CA PRO A 11 0.47 -6.24 -7.08
C PRO A 11 0.88 -5.07 -7.98
N GLY A 12 0.05 -4.04 -8.01
CA GLY A 12 0.34 -2.88 -8.83
C GLY A 12 -0.10 -1.58 -8.19
N THR A 13 -1.32 -1.59 -7.64
CA THR A 13 -1.87 -0.41 -7.00
C THR A 13 -1.21 -0.15 -5.65
N ALA A 14 -0.70 -1.21 -5.04
CA ALA A 14 -0.03 -1.11 -3.75
C ALA A 14 0.99 -2.23 -3.57
N PRO A 15 2.07 -2.19 -4.36
CA PRO A 15 3.13 -3.20 -4.31
C PRO A 15 3.96 -3.10 -3.02
N CYS A 16 3.41 -3.62 -1.94
CA CYS A 16 4.09 -3.60 -0.64
C CYS A 16 4.02 -4.97 0.03
N SER A 17 4.44 -5.02 1.29
CA SER A 17 4.43 -6.26 2.05
C SER A 17 3.32 -6.25 3.11
N ARG A 18 3.31 -7.28 3.95
CA ARG A 18 2.30 -7.39 5.00
C ARG A 18 2.48 -6.28 6.04
N GLY A 19 1.48 -5.43 6.16
CA GLY A 19 1.55 -4.34 7.12
C GLY A 19 2.18 -3.09 6.54
N SER A 20 1.69 -2.66 5.39
CA SER A 20 2.22 -1.47 4.73
C SER A 20 1.19 -0.85 3.79
N SER A 21 1.30 0.45 3.55
CA SER A 21 0.38 1.15 2.67
C SER A 21 1.13 2.10 1.74
N TRP A 22 0.83 2.00 0.44
CA TRP A 22 1.47 2.84 -0.55
C TRP A 22 0.72 4.15 -0.74
N SER A 23 1.42 5.26 -0.54
CA SER A 23 0.81 6.59 -0.68
C SER A 23 1.21 7.23 -2.00
N ALA A 24 0.21 7.74 -2.72
CA ALA A 24 0.47 8.38 -4.00
C ALA A 24 1.04 9.78 -3.82
N ASP A 25 0.94 10.29 -2.59
CA ASP A 25 1.45 11.62 -2.27
C ASP A 25 2.98 11.66 -2.39
N LEU A 26 3.64 10.82 -1.60
CA LEU A 26 5.10 10.75 -1.61
C LEU A 26 5.59 9.60 -2.49
N ASP A 27 4.69 8.69 -2.80
CA ASP A 27 5.03 7.53 -3.64
C ASP A 27 6.03 6.63 -2.93
N LYS A 28 5.53 5.81 -2.02
CA LYS A 28 6.38 4.89 -1.27
C LYS A 28 5.54 3.97 -0.38
N CYS A 29 6.13 2.85 0.01
CA CYS A 29 5.44 1.88 0.87
C CYS A 29 5.62 2.24 2.34
N MET A 30 4.61 2.90 2.91
CA MET A 30 4.66 3.29 4.31
C MET A 30 4.22 2.14 5.21
N ASP A 31 4.45 2.30 6.51
CA ASP A 31 4.07 1.27 7.48
C ASP A 31 2.84 1.69 8.27
N CYS A 32 1.92 0.76 8.47
CA CYS A 32 0.69 1.04 9.20
C CYS A 32 1.01 1.61 10.59
N ALA A 33 2.18 1.27 11.11
CA ALA A 33 2.60 1.74 12.42
C ALA A 33 2.76 3.25 12.43
N SER A 34 3.02 3.82 11.25
CA SER A 34 3.21 5.26 11.12
C SER A 34 1.98 6.01 11.59
N CYS A 35 0.82 5.36 11.51
CA CYS A 35 -0.44 5.96 11.94
C CYS A 35 -0.32 6.53 13.35
N ARG A 36 0.53 5.92 14.16
CA ARG A 36 0.73 6.35 15.53
C ARG A 36 1.04 7.85 15.58
N ALA A 37 1.69 8.35 14.53
CA ALA A 37 2.04 9.75 14.45
C ALA A 37 1.22 10.47 13.39
N ARG A 38 0.83 9.74 12.35
CA ARG A 38 0.05 10.31 11.26
C ARG A 38 -1.25 9.53 11.07
N PRO A 39 -2.17 9.65 12.04
CA PRO A 39 -3.47 8.97 11.99
C PRO A 39 -4.38 9.53 10.91
N HIS A 40 -4.06 10.72 10.42
CA HIS A 40 -4.85 11.37 9.38
C HIS A 40 -4.07 11.44 8.07
N SER A 41 -3.57 10.29 7.62
CA SER A 41 -2.80 10.23 6.39
C SER A 41 -3.50 9.33 5.37
N ASP A 42 -3.22 9.57 4.10
CA ASP A 42 -3.81 8.78 3.02
C ASP A 42 -3.48 7.30 3.18
N PHE A 43 -2.18 7.00 3.28
CA PHE A 43 -1.74 5.63 3.43
C PHE A 43 -2.26 5.01 4.73
N CYS A 44 -2.52 5.87 5.72
CA CYS A 44 -3.04 5.43 7.00
C CYS A 44 -4.43 4.81 6.86
N LEU A 45 -5.34 5.56 6.26
CA LEU A 45 -6.71 5.09 6.04
C LEU A 45 -6.75 4.00 4.98
N GLY A 46 -5.83 4.09 4.02
CA GLY A 46 -5.78 3.11 2.96
C GLY A 46 -5.22 1.78 3.41
N CYS A 47 -4.34 1.82 4.42
CA CYS A 47 -3.72 0.62 4.95
C CYS A 47 -4.78 -0.42 5.33
N ALA A 48 -5.47 -0.17 6.44
CA ALA A 48 -6.51 -1.08 6.90
C ALA A 48 -7.61 -1.25 5.86
N ALA A 49 -8.28 -2.39 5.88
CA ALA A 49 -9.34 -2.68 4.94
C ALA A 49 -10.04 -4.00 5.28
N ALA A 50 -11.32 -4.08 4.96
CA ALA A 50 -12.10 -5.29 5.22
C ALA A 50 -12.09 -5.63 6.71
N GLY A 1 13.40 -13.27 -3.42
CA GLY A 1 12.04 -13.74 -3.20
C GLY A 1 11.01 -12.73 -3.66
N SER A 2 11.02 -12.42 -4.95
CA SER A 2 10.08 -11.46 -5.52
C SER A 2 10.02 -11.58 -7.03
N SER A 3 11.20 -11.69 -7.66
CA SER A 3 11.29 -11.81 -9.10
C SER A 3 11.02 -13.24 -9.55
N GLY A 4 9.89 -13.44 -10.24
CA GLY A 4 9.54 -14.77 -10.71
C GLY A 4 8.17 -14.80 -11.37
N SER A 5 8.09 -15.44 -12.52
CA SER A 5 6.83 -15.54 -13.25
C SER A 5 6.27 -14.15 -13.55
N SER A 6 6.71 -13.56 -14.65
CA SER A 6 6.26 -12.23 -15.05
C SER A 6 4.78 -12.26 -15.41
N GLY A 7 4.14 -11.09 -15.31
CA GLY A 7 2.73 -11.00 -15.64
C GLY A 7 2.01 -9.96 -14.82
N GLU A 8 0.68 -9.96 -14.88
CA GLU A 8 -0.12 -9.00 -14.13
C GLU A 8 -0.77 -9.67 -12.92
N GLN A 9 -0.03 -10.55 -12.27
CA GLN A 9 -0.53 -11.26 -11.10
C GLN A 9 -0.27 -10.45 -9.83
N ALA A 10 0.81 -9.68 -9.83
CA ALA A 10 1.17 -8.86 -8.67
C ALA A 10 0.32 -7.60 -8.61
N PRO A 11 0.25 -6.98 -7.42
CA PRO A 11 -0.53 -5.76 -7.20
C PRO A 11 0.08 -4.55 -7.91
N GLY A 12 -0.69 -3.97 -8.83
CA GLY A 12 -0.21 -2.81 -9.55
C GLY A 12 -0.73 -1.51 -8.98
N THR A 13 -1.19 -1.55 -7.73
CA THR A 13 -1.72 -0.37 -7.07
C THR A 13 -1.02 -0.12 -5.74
N ALA A 14 -0.71 -1.20 -5.04
CA ALA A 14 -0.03 -1.09 -3.75
C ALA A 14 0.99 -2.21 -3.56
N PRO A 15 2.06 -2.17 -4.36
CA PRO A 15 3.13 -3.19 -4.31
C PRO A 15 3.95 -3.09 -3.03
N CYS A 16 3.40 -3.61 -1.94
CA CYS A 16 4.08 -3.60 -0.65
C CYS A 16 4.02 -4.96 0.02
N SER A 17 4.45 -5.01 1.28
CA SER A 17 4.45 -6.26 2.03
C SER A 17 3.34 -6.25 3.09
N ARG A 18 3.33 -7.28 3.93
CA ARG A 18 2.33 -7.39 4.99
C ARG A 18 2.51 -6.28 6.03
N GLY A 19 1.49 -5.44 6.15
CA GLY A 19 1.55 -4.35 7.11
C GLY A 19 2.20 -3.10 6.53
N SER A 20 1.69 -2.66 5.39
CA SER A 20 2.22 -1.48 4.73
C SER A 20 1.19 -0.86 3.78
N SER A 21 1.30 0.45 3.55
CA SER A 21 0.38 1.15 2.67
C SER A 21 1.13 2.10 1.74
N TRP A 22 0.83 2.00 0.44
CA TRP A 22 1.47 2.84 -0.55
C TRP A 22 0.71 4.16 -0.73
N SER A 23 1.41 5.27 -0.53
CA SER A 23 0.81 6.58 -0.67
C SER A 23 1.20 7.23 -1.98
N ALA A 24 0.21 7.74 -2.71
CA ALA A 24 0.46 8.38 -4.00
C ALA A 24 1.03 9.78 -3.80
N ASP A 25 0.94 10.29 -2.58
CA ASP A 25 1.45 11.62 -2.26
C ASP A 25 2.97 11.65 -2.37
N LEU A 26 3.64 10.82 -1.60
CA LEU A 26 5.10 10.75 -1.61
C LEU A 26 5.59 9.60 -2.48
N ASP A 27 4.68 8.68 -2.80
CA ASP A 27 5.02 7.54 -3.63
C ASP A 27 6.02 6.63 -2.93
N LYS A 28 5.52 5.81 -2.02
CA LYS A 28 6.38 4.89 -1.27
C LYS A 28 5.54 3.97 -0.38
N CYS A 29 6.13 2.85 0.01
CA CYS A 29 5.44 1.89 0.86
C CYS A 29 5.62 2.23 2.33
N MET A 30 4.62 2.89 2.91
CA MET A 30 4.67 3.29 4.31
C MET A 30 4.22 2.13 5.21
N ASP A 31 4.45 2.29 6.51
CA ASP A 31 4.07 1.26 7.48
C ASP A 31 2.84 1.68 8.27
N CYS A 32 1.92 0.75 8.47
CA CYS A 32 0.70 1.03 9.21
C CYS A 32 1.01 1.60 10.59
N ALA A 33 2.18 1.26 11.11
CA ALA A 33 2.60 1.75 12.42
C ALA A 33 2.77 3.26 12.42
N SER A 34 3.02 3.82 11.24
CA SER A 34 3.19 5.27 11.10
C SER A 34 1.95 6.01 11.59
N CYS A 35 0.80 5.35 11.52
CA CYS A 35 -0.45 5.94 11.95
C CYS A 35 -0.34 6.50 13.36
N ARG A 36 0.54 5.90 14.17
CA ARG A 36 0.74 6.34 15.54
C ARG A 36 1.03 7.84 15.59
N ALA A 37 1.66 8.35 14.55
CA ALA A 37 2.00 9.77 14.47
C ALA A 37 1.16 10.48 13.41
N ARG A 38 0.86 9.78 12.32
CA ARG A 38 0.06 10.33 11.24
C ARG A 38 -1.23 9.55 11.05
N PRO A 39 -2.15 9.67 12.02
CA PRO A 39 -3.44 8.98 11.98
C PRO A 39 -4.36 9.54 10.91
N HIS A 40 -4.04 10.73 10.42
CA HIS A 40 -4.84 11.37 9.38
C HIS A 40 -4.07 11.44 8.05
N SER A 41 -3.55 10.30 7.63
CA SER A 41 -2.79 10.22 6.39
C SER A 41 -3.49 9.32 5.38
N ASP A 42 -3.21 9.55 4.10
CA ASP A 42 -3.81 8.76 3.03
C ASP A 42 -3.47 7.28 3.19
N PHE A 43 -2.18 6.98 3.30
CA PHE A 43 -1.72 5.62 3.45
C PHE A 43 -2.25 5.00 4.75
N CYS A 44 -2.51 5.86 5.73
CA CYS A 44 -3.02 5.41 7.02
C CYS A 44 -4.41 4.80 6.87
N LEU A 45 -5.33 5.55 6.28
CA LEU A 45 -6.69 5.08 6.08
C LEU A 45 -6.73 4.00 5.01
N GLY A 46 -5.82 4.08 4.05
CA GLY A 46 -5.77 3.09 2.98
C GLY A 46 -5.20 1.76 3.44
N CYS A 47 -4.32 1.81 4.44
CA CYS A 47 -3.70 0.61 4.97
C CYS A 47 -4.75 -0.43 5.35
N ALA A 48 -5.44 -0.18 6.47
CA ALA A 48 -6.48 -1.09 6.94
C ALA A 48 -7.58 -1.26 5.90
N ALA A 49 -7.81 -2.50 5.49
CA ALA A 49 -8.84 -2.80 4.50
C ALA A 49 -9.73 -3.94 4.96
N ALA A 50 -10.21 -3.86 6.19
CA ALA A 50 -11.08 -4.89 6.75
C ALA A 50 -12.55 -4.59 6.47
N GLY A 1 8.00 -0.93 -11.55
CA GLY A 1 8.19 0.10 -12.56
C GLY A 1 9.50 -0.06 -13.31
N SER A 2 9.86 -1.30 -13.59
CA SER A 2 11.10 -1.59 -14.32
C SER A 2 10.91 -1.44 -15.81
N SER A 3 9.68 -1.63 -16.28
CA SER A 3 9.37 -1.52 -17.70
C SER A 3 10.21 -2.50 -18.51
N GLY A 4 9.64 -3.67 -18.78
CA GLY A 4 10.35 -4.68 -19.56
C GLY A 4 9.62 -6.00 -19.60
N SER A 5 10.09 -6.96 -18.83
CA SER A 5 9.47 -8.29 -18.79
C SER A 5 9.41 -8.82 -17.36
N SER A 6 8.44 -8.33 -16.60
CA SER A 6 8.27 -8.76 -15.22
C SER A 6 6.93 -8.29 -14.66
N GLY A 7 6.57 -8.80 -13.48
CA GLY A 7 5.31 -8.42 -12.86
C GLY A 7 4.25 -9.49 -13.01
N GLU A 8 4.60 -10.73 -12.65
CA GLU A 8 3.67 -11.84 -12.75
C GLU A 8 2.47 -11.63 -11.83
N GLN A 9 1.33 -11.28 -12.42
CA GLN A 9 0.12 -11.05 -11.66
C GLN A 9 0.35 -10.02 -10.56
N ALA A 10 1.10 -8.97 -10.88
CA ALA A 10 1.41 -7.93 -9.91
C ALA A 10 0.14 -7.21 -9.46
N PRO A 11 0.21 -6.53 -8.30
CA PRO A 11 -0.92 -5.80 -7.75
C PRO A 11 -1.28 -4.57 -8.57
N GLY A 12 -0.26 -3.82 -8.99
CA GLY A 12 -0.49 -2.62 -9.78
C GLY A 12 -1.37 -1.62 -9.07
N THR A 13 -1.11 -1.41 -7.78
CA THR A 13 -1.88 -0.47 -6.99
C THR A 13 -1.23 -0.21 -5.64
N ALA A 14 -0.69 -1.27 -5.04
CA ALA A 14 -0.02 -1.15 -3.75
C ALA A 14 1.00 -2.27 -3.55
N PRO A 15 2.08 -2.22 -4.34
CA PRO A 15 3.16 -3.22 -4.28
C PRO A 15 3.97 -3.12 -3.00
N CYS A 16 3.41 -3.65 -1.90
CA CYS A 16 4.08 -3.62 -0.61
C CYS A 16 4.00 -4.97 0.08
N SER A 17 4.43 -5.03 1.33
CA SER A 17 4.40 -6.26 2.11
C SER A 17 3.32 -6.19 3.19
N ARG A 18 3.13 -7.31 3.88
CA ARG A 18 2.12 -7.39 4.93
C ARG A 18 2.37 -6.32 6.00
N GLY A 19 1.42 -5.40 6.14
CA GLY A 19 1.55 -4.34 7.12
C GLY A 19 2.19 -3.09 6.55
N SER A 20 1.70 -2.66 5.39
CA SER A 20 2.23 -1.47 4.73
C SER A 20 1.20 -0.87 3.79
N SER A 21 1.31 0.44 3.56
CA SER A 21 0.38 1.15 2.68
C SER A 21 1.12 2.09 1.74
N TRP A 22 0.83 1.99 0.45
CA TRP A 22 1.47 2.84 -0.55
C TRP A 22 0.71 4.15 -0.72
N SER A 23 1.41 5.26 -0.52
CA SER A 23 0.80 6.59 -0.66
C SER A 23 1.20 7.23 -1.98
N ALA A 24 0.20 7.74 -2.71
CA ALA A 24 0.46 8.39 -3.98
C ALA A 24 1.03 9.79 -3.79
N ASP A 25 0.93 10.29 -2.56
CA ASP A 25 1.44 11.63 -2.24
C ASP A 25 2.96 11.66 -2.36
N LEU A 26 3.63 10.83 -1.58
CA LEU A 26 5.09 10.77 -1.59
C LEU A 26 5.58 9.62 -2.46
N ASP A 27 4.68 8.70 -2.78
CA ASP A 27 5.02 7.56 -3.62
C ASP A 27 6.02 6.65 -2.91
N LYS A 28 5.53 5.83 -2.00
CA LYS A 28 6.38 4.91 -1.26
C LYS A 28 5.54 3.98 -0.37
N CYS A 29 6.13 2.85 0.03
CA CYS A 29 5.44 1.89 0.87
C CYS A 29 5.62 2.24 2.34
N MET A 30 4.62 2.89 2.92
CA MET A 30 4.66 3.29 4.32
C MET A 30 4.21 2.13 5.22
N ASP A 31 4.44 2.29 6.52
CA ASP A 31 4.07 1.26 7.49
C ASP A 31 2.84 1.68 8.28
N CYS A 32 1.92 0.75 8.47
CA CYS A 32 0.69 1.01 9.21
C CYS A 32 1.00 1.58 10.59
N ALA A 33 2.17 1.25 11.12
CA ALA A 33 2.58 1.73 12.42
C ALA A 33 2.76 3.25 12.43
N SER A 34 3.02 3.81 11.25
CA SER A 34 3.21 5.25 11.11
C SER A 34 1.97 6.00 11.58
N CYS A 35 0.82 5.35 11.51
CA CYS A 35 -0.43 5.95 11.93
C CYS A 35 -0.32 6.53 13.34
N ARG A 36 0.53 5.92 14.16
CA ARG A 36 0.74 6.36 15.53
C ARG A 36 1.05 7.86 15.56
N ALA A 37 1.68 8.35 14.51
CA ALA A 37 2.04 9.77 14.42
C ALA A 37 1.20 10.48 13.36
N ARG A 38 0.86 9.75 12.29
CA ARG A 38 0.07 10.32 11.22
C ARG A 38 -1.23 9.54 11.03
N PRO A 39 -2.14 9.68 12.00
CA PRO A 39 -3.44 8.99 11.96
C PRO A 39 -4.36 9.55 10.89
N HIS A 40 -4.04 10.73 10.39
CA HIS A 40 -4.84 11.38 9.35
C HIS A 40 -4.07 11.43 8.04
N SER A 41 -3.56 10.28 7.61
CA SER A 41 -2.80 10.21 6.37
C SER A 41 -3.49 9.29 5.36
N ASP A 42 -3.23 9.52 4.08
CA ASP A 42 -3.84 8.73 3.02
C ASP A 42 -3.49 7.25 3.18
N PHE A 43 -2.20 6.96 3.29
CA PHE A 43 -1.74 5.58 3.45
C PHE A 43 -2.26 4.98 4.75
N CYS A 44 -2.53 5.84 5.72
CA CYS A 44 -3.04 5.39 7.02
C CYS A 44 -4.42 4.77 6.87
N LEU A 45 -5.35 5.52 6.28
CA LEU A 45 -6.72 5.05 6.08
C LEU A 45 -6.76 3.96 5.01
N GLY A 46 -5.83 4.05 4.05
CA GLY A 46 -5.78 3.06 2.99
C GLY A 46 -5.20 1.74 3.44
N CYS A 47 -4.33 1.79 4.44
CA CYS A 47 -3.71 0.58 4.97
C CYS A 47 -4.76 -0.45 5.36
N ALA A 48 -5.44 -0.21 6.47
CA ALA A 48 -6.48 -1.13 6.94
C ALA A 48 -7.58 -1.29 5.90
N ALA A 49 -8.06 -2.52 5.74
CA ALA A 49 -9.11 -2.82 4.79
C ALA A 49 -10.17 -3.73 5.40
N ALA A 50 -10.90 -3.20 6.37
CA ALA A 50 -11.95 -3.96 7.03
C ALA A 50 -13.20 -4.07 6.15
N GLY A 1 -2.59 -8.17 -16.89
CA GLY A 1 -2.77 -6.80 -17.37
C GLY A 1 -3.29 -6.75 -18.79
N SER A 2 -2.68 -7.54 -19.67
CA SER A 2 -3.08 -7.57 -21.08
C SER A 2 -3.09 -9.00 -21.60
N SER A 3 -4.12 -9.33 -22.37
CA SER A 3 -4.26 -10.67 -22.93
C SER A 3 -3.34 -10.86 -24.13
N GLY A 4 -3.20 -12.10 -24.58
CA GLY A 4 -2.35 -12.39 -25.72
C GLY A 4 -0.90 -12.60 -25.32
N SER A 5 -0.07 -11.58 -25.49
CA SER A 5 1.34 -11.67 -25.15
C SER A 5 1.57 -11.33 -23.68
N SER A 6 2.65 -11.86 -23.12
CA SER A 6 2.98 -11.62 -21.72
C SER A 6 1.87 -12.13 -20.79
N GLY A 7 2.02 -11.87 -19.50
CA GLY A 7 1.02 -12.32 -18.54
C GLY A 7 1.44 -12.03 -17.11
N GLU A 8 1.53 -10.76 -16.77
CA GLU A 8 1.92 -10.35 -15.43
C GLU A 8 0.71 -9.80 -14.66
N GLN A 9 0.41 -10.42 -13.52
CA GLN A 9 -0.71 -9.99 -12.70
C GLN A 9 -0.22 -9.48 -11.34
N ALA A 10 0.89 -8.76 -11.34
CA ALA A 10 1.46 -8.22 -10.11
C ALA A 10 0.62 -7.05 -9.59
N PRO A 11 0.79 -6.73 -8.31
CA PRO A 11 0.06 -5.64 -7.66
C PRO A 11 0.51 -4.27 -8.15
N GLY A 12 -0.27 -3.67 -9.04
CA GLY A 12 0.07 -2.36 -9.58
C GLY A 12 -0.67 -1.24 -8.89
N THR A 13 -1.16 -1.51 -7.68
CA THR A 13 -1.90 -0.52 -6.92
C THR A 13 -1.23 -0.25 -5.58
N ALA A 14 -0.72 -1.31 -4.95
CA ALA A 14 -0.06 -1.18 -3.66
C ALA A 14 0.95 -2.31 -3.45
N PRO A 15 2.03 -2.29 -4.25
CA PRO A 15 3.08 -3.30 -4.17
C PRO A 15 3.91 -3.19 -2.89
N CYS A 16 3.35 -3.70 -1.79
CA CYS A 16 4.03 -3.65 -0.50
C CYS A 16 3.86 -4.97 0.24
N SER A 17 4.46 -5.05 1.44
CA SER A 17 4.38 -6.26 2.25
C SER A 17 3.28 -6.13 3.29
N ARG A 18 2.98 -7.24 3.96
CA ARG A 18 1.94 -7.26 4.99
C ARG A 18 2.22 -6.20 6.06
N GLY A 19 1.28 -5.28 6.22
CA GLY A 19 1.44 -4.23 7.21
C GLY A 19 2.06 -2.97 6.63
N SER A 20 1.69 -2.63 5.40
CA SER A 20 2.22 -1.45 4.74
C SER A 20 1.19 -0.85 3.79
N SER A 21 1.30 0.46 3.56
CA SER A 21 0.38 1.15 2.67
C SER A 21 1.13 2.10 1.74
N TRP A 22 0.82 2.01 0.45
CA TRP A 22 1.47 2.84 -0.55
C TRP A 22 0.71 4.16 -0.73
N SER A 23 1.41 5.27 -0.53
CA SER A 23 0.81 6.58 -0.67
C SER A 23 1.21 7.24 -1.98
N ALA A 24 0.22 7.73 -2.72
CA ALA A 24 0.46 8.39 -4.00
C ALA A 24 1.04 9.79 -3.80
N ASP A 25 0.95 10.29 -2.58
CA ASP A 25 1.45 11.62 -2.26
C ASP A 25 2.98 11.66 -2.38
N LEU A 26 3.64 10.82 -1.60
CA LEU A 26 5.10 10.75 -1.61
C LEU A 26 5.59 9.60 -2.49
N ASP A 27 4.69 8.69 -2.80
CA ASP A 27 5.02 7.54 -3.63
C ASP A 27 6.03 6.63 -2.93
N LYS A 28 5.52 5.81 -2.02
CA LYS A 28 6.38 4.89 -1.27
C LYS A 28 5.54 3.97 -0.38
N CYS A 29 6.13 2.85 0.01
CA CYS A 29 5.44 1.88 0.87
C CYS A 29 5.62 2.23 2.34
N MET A 30 4.61 2.90 2.91
CA MET A 30 4.66 3.29 4.31
C MET A 30 4.22 2.14 5.21
N ASP A 31 4.45 2.30 6.51
CA ASP A 31 4.07 1.27 7.48
C ASP A 31 2.84 1.69 8.27
N CYS A 32 1.92 0.76 8.47
CA CYS A 32 0.70 1.04 9.21
C CYS A 32 1.01 1.61 10.59
N ALA A 33 2.18 1.27 11.11
CA ALA A 33 2.60 1.75 12.42
C ALA A 33 2.77 3.26 12.42
N SER A 34 3.02 3.82 11.25
CA SER A 34 3.21 5.27 11.11
C SER A 34 1.97 6.02 11.59
N CYS A 35 0.81 5.35 11.52
CA CYS A 35 -0.44 5.96 11.93
C CYS A 35 -0.33 6.53 13.34
N ARG A 36 0.52 5.91 14.16
CA ARG A 36 0.72 6.36 15.54
C ARG A 36 1.04 7.85 15.58
N ALA A 37 1.69 8.35 14.53
CA ALA A 37 2.05 9.76 14.44
C ALA A 37 1.23 10.47 13.38
N ARG A 38 0.83 9.73 12.36
CA ARG A 38 0.05 10.29 11.25
C ARG A 38 -1.25 9.52 11.06
N PRO A 39 -2.16 9.65 12.03
CA PRO A 39 -3.47 8.97 11.99
C PRO A 39 -4.38 9.52 10.91
N HIS A 40 -4.05 10.72 10.41
CA HIS A 40 -4.85 11.37 9.38
C HIS A 40 -4.07 11.43 8.06
N SER A 41 -3.58 10.28 7.61
CA SER A 41 -2.82 10.22 6.37
C SER A 41 -3.51 9.31 5.36
N ASP A 42 -3.23 9.55 4.07
CA ASP A 42 -3.82 8.75 3.01
C ASP A 42 -3.49 7.27 3.17
N PHE A 43 -2.20 6.98 3.28
CA PHE A 43 -1.73 5.61 3.44
C PHE A 43 -2.27 5.00 4.73
N CYS A 44 -2.53 5.86 5.71
CA CYS A 44 -3.04 5.41 7.00
C CYS A 44 -4.43 4.79 6.85
N LEU A 45 -5.34 5.54 6.25
CA LEU A 45 -6.70 5.06 6.05
C LEU A 45 -6.75 3.98 4.97
N GLY A 46 -5.83 4.06 4.02
CA GLY A 46 -5.77 3.07 2.95
C GLY A 46 -5.20 1.75 3.42
N CYS A 47 -4.33 1.80 4.42
CA CYS A 47 -3.71 0.60 4.96
C CYS A 47 -4.77 -0.43 5.33
N ALA A 48 -5.45 -0.19 6.45
CA ALA A 48 -6.49 -1.10 6.92
C ALA A 48 -7.59 -1.27 5.87
N ALA A 49 -8.09 -2.49 5.75
CA ALA A 49 -9.14 -2.79 4.78
C ALA A 49 -9.66 -4.22 4.95
N ALA A 50 -10.94 -4.35 5.24
CA ALA A 50 -11.55 -5.66 5.43
C ALA A 50 -10.78 -6.48 6.46
N GLY A 1 -6.50 -1.35 -21.91
CA GLY A 1 -6.64 -1.01 -20.50
C GLY A 1 -5.43 -0.28 -19.96
N SER A 2 -5.49 0.08 -18.68
CA SER A 2 -4.39 0.80 -18.04
C SER A 2 -3.55 -0.13 -17.19
N SER A 3 -2.24 -0.14 -17.42
CA SER A 3 -1.32 -0.99 -16.69
C SER A 3 0.06 -0.35 -16.58
N GLY A 4 0.69 -0.13 -17.72
CA GLY A 4 2.01 0.49 -17.73
C GLY A 4 2.99 -0.24 -16.82
N SER A 5 3.53 -1.35 -17.32
CA SER A 5 4.48 -2.15 -16.54
C SER A 5 3.84 -2.67 -15.27
N SER A 6 2.99 -3.67 -15.41
CA SER A 6 2.30 -4.26 -14.27
C SER A 6 2.59 -5.77 -14.18
N GLY A 7 3.76 -6.16 -14.66
CA GLY A 7 4.15 -7.57 -14.62
C GLY A 7 3.10 -8.46 -15.26
N GLU A 8 3.03 -9.70 -14.78
CA GLU A 8 2.07 -10.67 -15.31
C GLU A 8 0.87 -10.82 -14.37
N GLN A 9 1.15 -10.72 -13.07
CA GLN A 9 0.10 -10.85 -12.06
C GLN A 9 0.52 -10.19 -10.75
N ALA A 10 1.30 -9.11 -10.86
CA ALA A 10 1.77 -8.39 -9.68
C ALA A 10 0.84 -7.23 -9.35
N PRO A 11 0.92 -6.75 -8.10
CA PRO A 11 0.10 -5.63 -7.64
C PRO A 11 0.49 -4.30 -8.27
N GLY A 12 -0.40 -3.76 -9.10
CA GLY A 12 -0.12 -2.50 -9.77
C GLY A 12 -0.82 -1.32 -9.11
N THR A 13 -1.11 -1.46 -7.82
CA THR A 13 -1.78 -0.42 -7.07
C THR A 13 -1.09 -0.16 -5.73
N ALA A 14 -0.73 -1.23 -5.05
CA ALA A 14 -0.05 -1.13 -3.75
C ALA A 14 0.97 -2.24 -3.57
N PRO A 15 2.04 -2.20 -4.37
CA PRO A 15 3.11 -3.21 -4.31
C PRO A 15 3.93 -3.11 -3.04
N CYS A 16 3.38 -3.64 -1.94
CA CYS A 16 4.07 -3.61 -0.65
C CYS A 16 4.00 -4.97 0.03
N SER A 17 4.43 -5.03 1.29
CA SER A 17 4.43 -6.26 2.04
C SER A 17 3.33 -6.24 3.11
N ARG A 18 3.29 -7.29 3.93
CA ARG A 18 2.29 -7.40 4.98
C ARG A 18 2.47 -6.30 6.02
N GLY A 19 1.47 -5.44 6.14
CA GLY A 19 1.54 -4.35 7.10
C GLY A 19 2.18 -3.11 6.52
N SER A 20 1.67 -2.65 5.39
CA SER A 20 2.21 -1.47 4.73
C SER A 20 1.18 -0.85 3.79
N SER A 21 1.30 0.45 3.55
CA SER A 21 0.37 1.16 2.67
C SER A 21 1.13 2.10 1.73
N TRP A 22 0.82 2.01 0.44
CA TRP A 22 1.46 2.84 -0.56
C TRP A 22 0.71 4.16 -0.74
N SER A 23 1.41 5.26 -0.54
CA SER A 23 0.82 6.59 -0.68
C SER A 23 1.21 7.23 -2.00
N ALA A 24 0.22 7.74 -2.73
CA ALA A 24 0.46 8.38 -4.01
C ALA A 24 1.05 9.79 -3.82
N ASP A 25 0.96 10.29 -2.60
CA ASP A 25 1.47 11.62 -2.28
C ASP A 25 2.99 11.65 -2.40
N LEU A 26 3.66 10.82 -1.62
CA LEU A 26 5.12 10.75 -1.63
C LEU A 26 5.61 9.59 -2.50
N ASP A 27 4.69 8.68 -2.82
CA ASP A 27 5.03 7.52 -3.66
C ASP A 27 6.03 6.61 -2.95
N LYS A 28 5.53 5.79 -2.04
CA LYS A 28 6.38 4.88 -1.29
C LYS A 28 5.55 3.96 -0.40
N CYS A 29 6.12 2.84 0.00
CA CYS A 29 5.43 1.88 0.85
C CYS A 29 5.62 2.23 2.33
N MET A 30 4.61 2.89 2.90
CA MET A 30 4.67 3.28 4.30
C MET A 30 4.22 2.14 5.20
N ASP A 31 4.45 2.29 6.51
CA ASP A 31 4.08 1.27 7.47
C ASP A 31 2.85 1.70 8.27
N CYS A 32 1.92 0.78 8.46
CA CYS A 32 0.70 1.06 9.20
C CYS A 32 1.02 1.63 10.59
N ALA A 33 2.19 1.27 11.11
CA ALA A 33 2.62 1.75 12.42
C ALA A 33 2.78 3.27 12.43
N SER A 34 3.03 3.84 11.25
CA SER A 34 3.21 5.28 11.12
C SER A 34 1.97 6.02 11.59
N CYS A 35 0.82 5.36 11.52
CA CYS A 35 -0.44 5.96 11.95
C CYS A 35 -0.33 6.52 13.37
N ARG A 36 0.54 5.90 14.17
CA ARG A 36 0.74 6.34 15.55
C ARG A 36 1.03 7.83 15.61
N ALA A 37 1.67 8.35 14.55
CA ALA A 37 2.00 9.77 14.49
C ALA A 37 1.17 10.48 13.43
N ARG A 38 0.83 9.77 12.37
CA ARG A 38 0.03 10.34 11.29
C ARG A 38 -1.25 9.54 11.08
N PRO A 39 -2.18 9.66 12.06
CA PRO A 39 -3.46 8.97 12.01
C PRO A 39 -4.39 9.52 10.93
N HIS A 40 -4.07 10.71 10.44
CA HIS A 40 -4.87 11.36 9.40
C HIS A 40 -4.09 11.43 8.10
N SER A 41 -3.56 10.29 7.66
CA SER A 41 -2.79 10.23 6.42
C SER A 41 -3.48 9.35 5.39
N ASP A 42 -3.19 9.59 4.11
CA ASP A 42 -3.78 8.81 3.04
C ASP A 42 -3.45 7.32 3.19
N PHE A 43 -2.16 7.02 3.30
CA PHE A 43 -1.71 5.64 3.44
C PHE A 43 -2.24 5.04 4.74
N CYS A 44 -2.49 5.89 5.73
CA CYS A 44 -3.00 5.44 7.01
C CYS A 44 -4.39 4.81 6.86
N LEU A 45 -5.32 5.57 6.29
CA LEU A 45 -6.68 5.10 6.08
C LEU A 45 -6.71 4.00 5.01
N GLY A 46 -5.83 4.11 4.03
CA GLY A 46 -5.77 3.12 2.97
C GLY A 46 -5.21 1.80 3.44
N CYS A 47 -4.33 1.85 4.43
CA CYS A 47 -3.70 0.65 4.97
C CYS A 47 -4.75 -0.40 5.34
N ALA A 48 -5.46 -0.16 6.44
CA ALA A 48 -6.49 -1.07 6.89
C ALA A 48 -7.57 -1.25 5.84
N ALA A 49 -7.81 -2.49 5.43
CA ALA A 49 -8.82 -2.79 4.43
C ALA A 49 -10.11 -3.27 5.08
N ALA A 50 -11.08 -2.36 5.20
CA ALA A 50 -12.36 -2.69 5.80
C ALA A 50 -13.51 -2.08 5.01
N GLY A 1 8.01 -2.17 -19.78
CA GLY A 1 8.20 -3.59 -19.60
C GLY A 1 7.21 -4.42 -20.39
N SER A 2 7.27 -5.74 -20.22
CA SER A 2 6.37 -6.64 -20.94
C SER A 2 5.37 -7.29 -19.97
N SER A 3 4.09 -7.12 -20.27
CA SER A 3 3.04 -7.68 -19.42
C SER A 3 1.74 -7.84 -20.21
N GLY A 4 1.21 -6.73 -20.69
CA GLY A 4 -0.03 -6.76 -21.46
C GLY A 4 -1.03 -5.72 -20.99
N SER A 5 -2.12 -5.59 -21.75
CA SER A 5 -3.16 -4.62 -21.41
C SER A 5 -4.18 -5.23 -20.45
N SER A 6 -4.74 -6.36 -20.85
CA SER A 6 -5.74 -7.05 -20.03
C SER A 6 -5.07 -7.95 -18.99
N GLY A 7 -4.13 -8.77 -19.45
CA GLY A 7 -3.43 -9.66 -18.55
C GLY A 7 -2.24 -9.01 -17.88
N GLU A 8 -2.04 -9.29 -16.60
CA GLU A 8 -0.93 -8.72 -15.85
C GLU A 8 -0.57 -9.60 -14.66
N GLN A 9 0.71 -9.60 -14.30
CA GLN A 9 1.18 -10.41 -13.18
C GLN A 9 1.70 -9.52 -12.06
N ALA A 10 0.90 -8.53 -11.66
CA ALA A 10 1.28 -7.61 -10.59
C ALA A 10 0.07 -6.84 -10.08
N PRO A 11 0.20 -6.29 -8.86
CA PRO A 11 -0.88 -5.52 -8.23
C PRO A 11 -1.13 -4.18 -8.92
N GLY A 12 -0.05 -3.45 -9.19
CA GLY A 12 -0.17 -2.16 -9.85
C GLY A 12 -1.07 -1.21 -9.11
N THR A 13 -1.11 -1.36 -7.78
CA THR A 13 -1.95 -0.50 -6.95
C THR A 13 -1.28 -0.24 -5.60
N ALA A 14 -0.71 -1.28 -5.02
CA ALA A 14 -0.04 -1.17 -3.72
C ALA A 14 0.97 -2.29 -3.53
N PRO A 15 2.06 -2.24 -4.32
CA PRO A 15 3.13 -3.26 -4.25
C PRO A 15 3.94 -3.15 -2.97
N CYS A 16 3.38 -3.67 -1.88
CA CYS A 16 4.06 -3.63 -0.59
C CYS A 16 3.95 -4.98 0.12
N SER A 17 4.35 -5.01 1.39
CA SER A 17 4.29 -6.23 2.18
C SER A 17 3.21 -6.14 3.26
N ARG A 18 2.93 -7.27 3.90
CA ARG A 18 1.92 -7.31 4.96
C ARG A 18 2.22 -6.27 6.04
N GLY A 19 1.30 -5.31 6.19
CA GLY A 19 1.49 -4.26 7.18
C GLY A 19 2.12 -3.01 6.60
N SER A 20 1.69 -2.64 5.39
CA SER A 20 2.23 -1.46 4.73
C SER A 20 1.19 -0.85 3.79
N SER A 21 1.31 0.45 3.55
CA SER A 21 0.38 1.15 2.67
C SER A 21 1.13 2.10 1.74
N TRP A 22 0.83 2.00 0.44
CA TRP A 22 1.47 2.84 -0.55
C TRP A 22 0.72 4.15 -0.74
N SER A 23 1.42 5.26 -0.54
CA SER A 23 0.81 6.59 -0.68
C SER A 23 1.21 7.23 -2.00
N ALA A 24 0.22 7.73 -2.73
CA ALA A 24 0.46 8.38 -4.01
C ALA A 24 1.04 9.78 -3.82
N ASP A 25 0.95 10.29 -2.59
CA ASP A 25 1.45 11.62 -2.27
C ASP A 25 2.98 11.66 -2.40
N LEU A 26 3.64 10.81 -1.61
CA LEU A 26 5.10 10.75 -1.63
C LEU A 26 5.59 9.60 -2.51
N ASP A 27 4.69 8.68 -2.82
CA ASP A 27 5.02 7.54 -3.65
C ASP A 27 6.03 6.63 -2.94
N LYS A 28 5.53 5.80 -2.03
CA LYS A 28 6.38 4.89 -1.27
C LYS A 28 5.54 3.97 -0.39
N CYS A 29 6.13 2.84 0.01
CA CYS A 29 5.44 1.89 0.86
C CYS A 29 5.62 2.23 2.33
N MET A 30 4.63 2.89 2.90
CA MET A 30 4.67 3.29 4.31
C MET A 30 4.23 2.15 5.21
N ASP A 31 4.46 2.30 6.51
CA ASP A 31 4.08 1.28 7.48
C ASP A 31 2.85 1.70 8.27
N CYS A 32 1.92 0.77 8.47
CA CYS A 32 0.69 1.04 9.20
C CYS A 32 1.01 1.62 10.58
N ALA A 33 2.18 1.27 11.11
CA ALA A 33 2.60 1.75 12.41
C ALA A 33 2.76 3.27 12.42
N SER A 34 3.01 3.83 11.25
CA SER A 34 3.19 5.27 11.11
C SER A 34 1.95 6.03 11.59
N CYS A 35 0.80 5.36 11.52
CA CYS A 35 -0.46 5.95 11.95
C CYS A 35 -0.34 6.51 13.36
N ARG A 36 0.52 5.91 14.17
CA ARG A 36 0.72 6.35 15.54
C ARG A 36 1.02 7.83 15.60
N ALA A 37 1.67 8.35 14.56
CA ALA A 37 2.01 9.76 14.50
C ALA A 37 1.19 10.47 13.42
N ARG A 38 0.84 9.74 12.37
CA ARG A 38 0.06 10.30 11.27
C ARG A 38 -1.24 9.52 11.07
N PRO A 39 -2.15 9.65 12.04
CA PRO A 39 -3.46 8.97 12.00
C PRO A 39 -4.37 9.54 10.92
N HIS A 40 -4.03 10.73 10.43
CA HIS A 40 -4.83 11.37 9.40
C HIS A 40 -4.05 11.45 8.08
N SER A 41 -3.56 10.30 7.62
CA SER A 41 -2.81 10.23 6.38
C SER A 41 -3.50 9.33 5.36
N ASP A 42 -3.21 9.57 4.08
CA ASP A 42 -3.81 8.78 3.01
C ASP A 42 -3.47 7.29 3.18
N PHE A 43 -2.18 7.00 3.28
CA PHE A 43 -1.73 5.62 3.44
C PHE A 43 -2.26 5.02 4.73
N CYS A 44 -2.52 5.88 5.71
CA CYS A 44 -3.02 5.43 7.01
C CYS A 44 -4.41 4.82 6.86
N LEU A 45 -5.33 5.56 6.27
CA LEU A 45 -6.69 5.10 6.06
C LEU A 45 -6.75 4.01 4.99
N GLY A 46 -5.83 4.09 4.04
CA GLY A 46 -5.78 3.11 2.97
C GLY A 46 -5.21 1.78 3.44
N CYS A 47 -4.34 1.83 4.43
CA CYS A 47 -3.72 0.62 4.95
C CYS A 47 -4.77 -0.41 5.34
N ALA A 48 -5.46 -0.16 6.45
CA ALA A 48 -6.50 -1.07 6.92
C ALA A 48 -7.59 -1.24 5.88
N ALA A 49 -7.92 -2.49 5.57
CA ALA A 49 -8.95 -2.79 4.58
C ALA A 49 -10.25 -3.23 5.26
N ALA A 50 -11.24 -2.34 5.24
CA ALA A 50 -12.53 -2.64 5.85
C ALA A 50 -13.63 -1.75 5.28
N GLY A 1 -11.34 -24.06 -6.12
CA GLY A 1 -11.94 -24.40 -4.84
C GLY A 1 -12.49 -23.18 -4.12
N SER A 2 -12.34 -23.17 -2.79
CA SER A 2 -12.82 -22.06 -1.98
C SER A 2 -14.33 -21.88 -2.15
N SER A 3 -14.85 -20.79 -1.60
CA SER A 3 -16.27 -20.49 -1.69
C SER A 3 -16.54 -19.40 -2.72
N GLY A 4 -15.84 -19.47 -3.84
CA GLY A 4 -16.02 -18.47 -4.89
C GLY A 4 -15.62 -17.09 -4.44
N SER A 5 -14.38 -16.96 -3.95
CA SER A 5 -13.88 -15.67 -3.49
C SER A 5 -12.91 -15.06 -4.51
N SER A 6 -13.09 -13.77 -4.77
CA SER A 6 -12.23 -13.07 -5.72
C SER A 6 -11.03 -12.44 -5.02
N GLY A 7 -9.88 -12.50 -5.68
CA GLY A 7 -8.67 -11.92 -5.11
C GLY A 7 -7.50 -11.96 -6.08
N GLU A 8 -7.00 -10.78 -6.43
CA GLU A 8 -5.87 -10.68 -7.35
C GLU A 8 -4.55 -10.90 -6.62
N GLN A 9 -3.63 -11.61 -7.28
CA GLN A 9 -2.32 -11.89 -6.70
C GLN A 9 -1.45 -10.63 -6.68
N ALA A 10 -1.61 -9.79 -7.68
CA ALA A 10 -0.85 -8.55 -7.78
C ALA A 10 -1.42 -7.49 -6.86
N PRO A 11 -0.59 -6.47 -6.55
CA PRO A 11 -1.00 -5.36 -5.68
C PRO A 11 -2.02 -4.45 -6.33
N GLY A 12 -1.89 -4.27 -7.64
CA GLY A 12 -2.83 -3.42 -8.37
C GLY A 12 -2.45 -1.95 -8.28
N THR A 13 -2.30 -1.45 -7.05
CA THR A 13 -1.96 -0.05 -6.84
C THR A 13 -1.29 0.15 -5.48
N ALA A 14 -0.64 -0.91 -4.99
CA ALA A 14 0.04 -0.85 -3.71
C ALA A 14 1.01 -2.02 -3.53
N PRO A 15 2.08 -2.02 -4.35
CA PRO A 15 3.10 -3.07 -4.31
C PRO A 15 3.93 -3.02 -3.03
N CYS A 16 3.37 -3.54 -1.94
CA CYS A 16 4.05 -3.57 -0.66
C CYS A 16 3.96 -4.95 -0.01
N SER A 17 4.38 -5.04 1.24
CA SER A 17 4.34 -6.30 1.97
C SER A 17 3.24 -6.29 3.03
N ARG A 18 3.25 -7.30 3.90
CA ARG A 18 2.26 -7.40 4.96
C ARG A 18 2.47 -6.30 6.00
N GLY A 19 1.48 -5.43 6.15
CA GLY A 19 1.57 -4.36 7.12
C GLY A 19 2.22 -3.11 6.53
N SER A 20 1.70 -2.65 5.40
CA SER A 20 2.23 -1.47 4.73
C SER A 20 1.19 -0.86 3.79
N SER A 21 1.31 0.44 3.56
CA SER A 21 0.38 1.15 2.68
C SER A 21 1.12 2.09 1.74
N TRP A 22 0.83 1.99 0.45
CA TRP A 22 1.47 2.84 -0.55
C TRP A 22 0.72 4.15 -0.72
N SER A 23 1.41 5.27 -0.53
CA SER A 23 0.80 6.59 -0.66
C SER A 23 1.20 7.23 -1.98
N ALA A 24 0.20 7.74 -2.71
CA ALA A 24 0.45 8.39 -3.99
C ALA A 24 1.03 9.79 -3.80
N ASP A 25 0.94 10.29 -2.57
CA ASP A 25 1.44 11.62 -2.25
C ASP A 25 2.96 11.67 -2.36
N LEU A 26 3.63 10.82 -1.58
CA LEU A 26 5.09 10.76 -1.60
C LEU A 26 5.58 9.62 -2.47
N ASP A 27 4.67 8.70 -2.79
CA ASP A 27 5.02 7.55 -3.63
C ASP A 27 6.03 6.64 -2.92
N LYS A 28 5.52 5.81 -2.00
CA LYS A 28 6.37 4.90 -1.26
C LYS A 28 5.54 3.98 -0.38
N CYS A 29 6.13 2.86 0.02
CA CYS A 29 5.44 1.89 0.87
C CYS A 29 5.62 2.24 2.34
N MET A 30 4.61 2.90 2.91
CA MET A 30 4.66 3.29 4.32
C MET A 30 4.22 2.14 5.22
N ASP A 31 4.44 2.29 6.52
CA ASP A 31 4.08 1.26 7.48
C ASP A 31 2.84 1.69 8.28
N CYS A 32 1.92 0.75 8.47
CA CYS A 32 0.69 1.03 9.21
C CYS A 32 1.01 1.60 10.60
N ALA A 33 2.18 1.25 11.12
CA ALA A 33 2.59 1.74 12.43
C ALA A 33 2.76 3.26 12.42
N SER A 34 3.01 3.82 11.25
CA SER A 34 3.20 5.26 11.12
C SER A 34 1.96 6.00 11.59
N CYS A 35 0.81 5.34 11.51
CA CYS A 35 -0.45 5.95 11.93
C CYS A 35 -0.34 6.52 13.34
N ARG A 36 0.52 5.91 14.16
CA ARG A 36 0.73 6.35 15.53
C ARG A 36 1.03 7.86 15.57
N ALA A 37 1.67 8.35 14.52
CA ALA A 37 2.04 9.76 14.44
C ALA A 37 1.20 10.47 13.37
N ARG A 38 0.86 9.74 12.31
CA ARG A 38 0.08 10.31 11.22
C ARG A 38 -1.23 9.53 11.04
N PRO A 39 -2.14 9.66 12.01
CA PRO A 39 -3.44 8.99 11.97
C PRO A 39 -4.36 9.54 10.90
N HIS A 40 -4.03 10.73 10.40
CA HIS A 40 -4.82 11.38 9.36
C HIS A 40 -4.06 11.43 8.05
N SER A 41 -3.56 10.29 7.61
CA SER A 41 -2.80 10.21 6.37
C SER A 41 -3.50 9.30 5.36
N ASP A 42 -3.24 9.53 4.07
CA ASP A 42 -3.85 8.74 3.01
C ASP A 42 -3.49 7.25 3.18
N PHE A 43 -2.20 6.96 3.29
CA PHE A 43 -1.74 5.59 3.45
C PHE A 43 -2.27 4.99 4.74
N CYS A 44 -2.53 5.84 5.72
CA CYS A 44 -3.05 5.39 7.01
C CYS A 44 -4.42 4.77 6.87
N LEU A 45 -5.35 5.52 6.27
CA LEU A 45 -6.72 5.05 6.08
C LEU A 45 -6.75 3.96 5.00
N GLY A 46 -5.83 4.05 4.04
CA GLY A 46 -5.78 3.07 2.98
C GLY A 46 -5.21 1.75 3.44
N CYS A 47 -4.34 1.79 4.43
CA CYS A 47 -3.70 0.59 4.96
C CYS A 47 -4.75 -0.45 5.34
N ALA A 48 -5.44 -0.21 6.46
CA ALA A 48 -6.47 -1.12 6.93
C ALA A 48 -7.58 -1.29 5.89
N ALA A 49 -7.86 -2.54 5.54
CA ALA A 49 -8.89 -2.84 4.55
C ALA A 49 -9.69 -4.09 4.94
N ALA A 50 -10.72 -3.89 5.76
CA ALA A 50 -11.55 -4.99 6.20
C ALA A 50 -12.38 -5.56 5.05
N GLY A 1 10.16 -12.29 -21.31
CA GLY A 1 9.05 -12.89 -20.58
C GLY A 1 8.79 -14.32 -21.00
N SER A 2 9.57 -15.25 -20.47
CA SER A 2 9.41 -16.66 -20.80
C SER A 2 9.21 -17.49 -19.55
N SER A 3 8.56 -18.64 -19.70
CA SER A 3 8.28 -19.53 -18.58
C SER A 3 7.43 -18.84 -17.53
N GLY A 4 6.18 -18.54 -17.90
CA GLY A 4 5.27 -17.88 -16.99
C GLY A 4 4.23 -18.83 -16.41
N SER A 5 3.51 -18.36 -15.40
CA SER A 5 2.48 -19.18 -14.76
C SER A 5 1.46 -18.30 -14.04
N SER A 6 0.41 -18.93 -13.53
CA SER A 6 -0.63 -18.20 -12.80
C SER A 6 -1.23 -17.11 -13.68
N GLY A 7 -2.07 -16.27 -13.08
CA GLY A 7 -2.70 -15.18 -13.82
C GLY A 7 -2.59 -13.86 -13.09
N GLU A 8 -1.37 -13.42 -12.82
CA GLU A 8 -1.14 -12.16 -12.12
C GLU A 8 0.02 -11.40 -12.75
N GLN A 9 -0.19 -10.11 -13.00
CA GLN A 9 0.84 -9.26 -13.59
C GLN A 9 1.33 -8.22 -12.59
N ALA A 10 0.44 -7.79 -11.71
CA ALA A 10 0.78 -6.79 -10.70
C ALA A 10 -0.16 -6.87 -9.51
N PRO A 11 0.28 -6.32 -8.36
CA PRO A 11 -0.51 -6.31 -7.14
C PRO A 11 -1.73 -5.40 -7.22
N GLY A 12 -1.65 -4.40 -8.10
CA GLY A 12 -2.76 -3.48 -8.27
C GLY A 12 -2.31 -2.03 -8.18
N THR A 13 -2.43 -1.44 -7.00
CA THR A 13 -2.04 -0.06 -6.79
C THR A 13 -1.38 0.14 -5.43
N ALA A 14 -0.66 -0.88 -4.98
CA ALA A 14 0.02 -0.83 -3.69
C ALA A 14 0.99 -2.00 -3.53
N PRO A 15 2.05 -2.01 -4.34
CA PRO A 15 3.07 -3.07 -4.31
C PRO A 15 3.90 -3.03 -3.03
N CYS A 16 3.34 -3.54 -1.94
CA CYS A 16 4.03 -3.57 -0.66
C CYS A 16 3.93 -4.95 -0.01
N SER A 17 4.35 -5.05 1.24
CA SER A 17 4.31 -6.30 1.97
C SER A 17 3.21 -6.28 3.04
N ARG A 18 3.22 -7.30 3.90
CA ARG A 18 2.23 -7.39 4.96
C ARG A 18 2.45 -6.30 6.00
N GLY A 19 1.46 -5.43 6.15
CA GLY A 19 1.56 -4.35 7.12
C GLY A 19 2.21 -3.11 6.54
N SER A 20 1.68 -2.65 5.40
CA SER A 20 2.22 -1.47 4.73
C SER A 20 1.18 -0.86 3.80
N SER A 21 1.30 0.45 3.55
CA SER A 21 0.38 1.15 2.67
C SER A 21 1.12 2.09 1.74
N TRP A 22 0.82 2.00 0.45
CA TRP A 22 1.46 2.84 -0.55
C TRP A 22 0.71 4.16 -0.73
N SER A 23 1.41 5.27 -0.53
CA SER A 23 0.81 6.58 -0.67
C SER A 23 1.21 7.24 -1.98
N ALA A 24 0.21 7.74 -2.71
CA ALA A 24 0.45 8.39 -3.99
C ALA A 24 1.03 9.80 -3.80
N ASP A 25 0.95 10.30 -2.57
CA ASP A 25 1.46 11.62 -2.25
C ASP A 25 2.98 11.66 -2.38
N LEU A 26 3.64 10.82 -1.59
CA LEU A 26 5.10 10.75 -1.61
C LEU A 26 5.59 9.60 -2.48
N ASP A 27 4.69 8.69 -2.80
CA ASP A 27 5.02 7.54 -3.63
C ASP A 27 6.02 6.63 -2.93
N LYS A 28 5.52 5.81 -2.02
CA LYS A 28 6.38 4.89 -1.27
C LYS A 28 5.54 3.97 -0.38
N CYS A 29 6.13 2.85 0.01
CA CYS A 29 5.44 1.89 0.86
C CYS A 29 5.62 2.23 2.34
N MET A 30 4.62 2.89 2.91
CA MET A 30 4.67 3.29 4.32
C MET A 30 4.22 2.14 5.21
N ASP A 31 4.45 2.29 6.51
CA ASP A 31 4.08 1.27 7.48
C ASP A 31 2.85 1.69 8.27
N CYS A 32 1.92 0.75 8.47
CA CYS A 32 0.70 1.03 9.21
C CYS A 32 1.01 1.60 10.59
N ALA A 33 2.18 1.26 11.11
CA ALA A 33 2.60 1.74 12.42
C ALA A 33 2.77 3.26 12.42
N SER A 34 3.02 3.82 11.25
CA SER A 34 3.20 5.26 11.12
C SER A 34 1.97 6.01 11.59
N CYS A 35 0.81 5.35 11.52
CA CYS A 35 -0.44 5.95 11.94
C CYS A 35 -0.33 6.53 13.35
N ARG A 36 0.52 5.91 14.17
CA ARG A 36 0.73 6.35 15.54
C ARG A 36 1.05 7.84 15.59
N ALA A 37 1.68 8.34 14.53
CA ALA A 37 2.02 9.76 14.44
C ALA A 37 1.19 10.47 13.38
N ARG A 38 0.85 9.76 12.32
CA ARG A 38 0.04 10.33 11.24
C ARG A 38 -1.24 9.54 11.06
N PRO A 39 -2.16 9.66 12.03
CA PRO A 39 -3.45 8.98 11.99
C PRO A 39 -4.37 9.54 10.91
N HIS A 40 -4.05 10.73 10.42
CA HIS A 40 -4.85 11.37 9.38
C HIS A 40 -4.08 11.43 8.06
N SER A 41 -3.55 10.29 7.64
CA SER A 41 -2.79 10.22 6.39
C SER A 41 -3.49 9.32 5.38
N ASP A 42 -3.21 9.56 4.10
CA ASP A 42 -3.81 8.77 3.03
C ASP A 42 -3.48 7.29 3.20
N PHE A 43 -2.18 6.99 3.30
CA PHE A 43 -1.73 5.61 3.45
C PHE A 43 -2.26 5.01 4.74
N CYS A 44 -2.52 5.86 5.73
CA CYS A 44 -3.03 5.41 7.02
C CYS A 44 -4.42 4.79 6.87
N LEU A 45 -5.33 5.55 6.27
CA LEU A 45 -6.70 5.07 6.07
C LEU A 45 -6.74 3.99 5.00
N GLY A 46 -5.83 4.07 4.03
CA GLY A 46 -5.78 3.09 2.97
C GLY A 46 -5.21 1.76 3.43
N CYS A 47 -4.33 1.82 4.43
CA CYS A 47 -3.72 0.61 4.96
C CYS A 47 -4.76 -0.43 5.34
N ALA A 48 -5.45 -0.18 6.45
CA ALA A 48 -6.49 -1.09 6.92
C ALA A 48 -7.59 -1.26 5.88
N ALA A 49 -7.97 -2.51 5.62
CA ALA A 49 -9.01 -2.80 4.64
C ALA A 49 -9.40 -4.27 4.69
N ALA A 50 -10.57 -4.56 5.25
CA ALA A 50 -11.06 -5.93 5.34
C ALA A 50 -12.55 -6.00 5.02
N GLY A 1 2.49 -15.41 -21.32
CA GLY A 1 3.26 -16.09 -20.30
C GLY A 1 4.62 -15.47 -20.09
N SER A 2 5.22 -14.97 -21.17
CA SER A 2 6.53 -14.35 -21.10
C SER A 2 6.69 -13.29 -22.17
N SER A 3 6.03 -12.15 -21.98
CA SER A 3 6.09 -11.05 -22.94
C SER A 3 6.66 -9.80 -22.30
N GLY A 4 6.31 -9.57 -21.04
CA GLY A 4 6.80 -8.41 -20.32
C GLY A 4 7.03 -8.68 -18.85
N SER A 5 6.02 -9.20 -18.18
CA SER A 5 6.11 -9.51 -16.75
C SER A 5 4.90 -10.32 -16.28
N SER A 6 4.97 -10.80 -15.05
CA SER A 6 3.88 -11.59 -14.48
C SER A 6 2.62 -10.76 -14.34
N GLY A 7 1.70 -10.91 -15.28
CA GLY A 7 0.45 -10.16 -15.24
C GLY A 7 -0.73 -11.02 -14.83
N GLU A 8 -0.53 -11.83 -13.79
CA GLU A 8 -1.59 -12.71 -13.30
C GLU A 8 -2.59 -11.94 -12.45
N GLN A 9 -2.15 -11.54 -11.25
CA GLN A 9 -3.01 -10.79 -10.34
C GLN A 9 -2.33 -9.50 -9.90
N ALA A 10 -1.06 -9.61 -9.52
CA ALA A 10 -0.30 -8.44 -9.07
C ALA A 10 -0.90 -7.84 -7.81
N PRO A 11 -0.10 -7.06 -7.08
CA PRO A 11 -0.53 -6.41 -5.84
C PRO A 11 -1.55 -5.30 -6.09
N GLY A 12 -1.53 -4.75 -7.30
CA GLY A 12 -2.47 -3.69 -7.64
C GLY A 12 -1.84 -2.31 -7.53
N THR A 13 -2.57 -1.38 -6.91
CA THR A 13 -2.09 -0.02 -6.74
C THR A 13 -1.43 0.16 -5.38
N ALA A 14 -0.67 -0.85 -4.96
CA ALA A 14 0.03 -0.80 -3.68
C ALA A 14 0.98 -1.98 -3.51
N PRO A 15 2.05 -2.00 -4.32
CA PRO A 15 3.05 -3.07 -4.29
C PRO A 15 3.89 -3.04 -3.02
N CYS A 16 3.32 -3.54 -1.93
CA CYS A 16 4.01 -3.58 -0.65
C CYS A 16 3.90 -4.95 0.00
N SER A 17 4.31 -5.04 1.27
CA SER A 17 4.26 -6.30 2.00
C SER A 17 3.18 -6.25 3.07
N ARG A 18 3.11 -7.31 3.88
CA ARG A 18 2.13 -7.39 4.95
C ARG A 18 2.38 -6.32 6.01
N GLY A 19 1.42 -5.41 6.15
CA GLY A 19 1.57 -4.34 7.13
C GLY A 19 2.21 -3.10 6.53
N SER A 20 1.69 -2.64 5.40
CA SER A 20 2.23 -1.46 4.73
C SER A 20 1.19 -0.86 3.79
N SER A 21 1.30 0.45 3.55
CA SER A 21 0.38 1.15 2.67
C SER A 21 1.13 2.10 1.74
N TRP A 22 0.82 2.01 0.45
CA TRP A 22 1.47 2.84 -0.55
C TRP A 22 0.71 4.16 -0.73
N SER A 23 1.41 5.27 -0.53
CA SER A 23 0.81 6.58 -0.67
C SER A 23 1.20 7.23 -1.98
N ALA A 24 0.21 7.74 -2.71
CA ALA A 24 0.46 8.38 -4.00
C ALA A 24 1.03 9.78 -3.80
N ASP A 25 0.95 10.29 -2.58
CA ASP A 25 1.45 11.62 -2.26
C ASP A 25 2.98 11.66 -2.38
N LEU A 26 3.65 10.82 -1.61
CA LEU A 26 5.10 10.75 -1.61
C LEU A 26 5.59 9.60 -2.49
N ASP A 27 4.68 8.69 -2.81
CA ASP A 27 5.02 7.54 -3.65
C ASP A 27 6.02 6.63 -2.94
N LYS A 28 5.53 5.80 -2.02
CA LYS A 28 6.37 4.89 -1.28
C LYS A 28 5.54 3.97 -0.39
N CYS A 29 6.13 2.84 0.00
CA CYS A 29 5.44 1.88 0.85
C CYS A 29 5.62 2.23 2.33
N MET A 30 4.62 2.89 2.91
CA MET A 30 4.67 3.28 4.30
C MET A 30 4.22 2.13 5.21
N ASP A 31 4.46 2.29 6.50
CA ASP A 31 4.08 1.27 7.47
C ASP A 31 2.85 1.69 8.27
N CYS A 32 1.93 0.76 8.47
CA CYS A 32 0.70 1.03 9.21
C CYS A 32 1.02 1.62 10.59
N ALA A 33 2.19 1.27 11.11
CA ALA A 33 2.61 1.76 12.42
C ALA A 33 2.76 3.27 12.41
N SER A 34 3.01 3.83 11.24
CA SER A 34 3.19 5.28 11.10
C SER A 34 1.94 6.02 11.58
N CYS A 35 0.80 5.36 11.52
CA CYS A 35 -0.47 5.95 11.95
C CYS A 35 -0.35 6.51 13.37
N ARG A 36 0.53 5.90 14.16
CA ARG A 36 0.73 6.34 15.54
C ARG A 36 1.02 7.83 15.60
N ALA A 37 1.66 8.35 14.55
CA ALA A 37 1.99 9.76 14.48
C ALA A 37 1.16 10.48 13.41
N ARG A 38 0.86 9.75 12.34
CA ARG A 38 0.07 10.31 11.25
C ARG A 38 -1.23 9.53 11.06
N PRO A 39 -2.14 9.66 12.03
CA PRO A 39 -3.44 8.97 11.99
C PRO A 39 -4.36 9.54 10.91
N HIS A 40 -4.04 10.73 10.42
CA HIS A 40 -4.84 11.37 9.39
C HIS A 40 -4.06 11.44 8.06
N SER A 41 -3.56 10.30 7.62
CA SER A 41 -2.79 10.23 6.38
C SER A 41 -3.49 9.33 5.37
N ASP A 42 -3.21 9.55 4.09
CA ASP A 42 -3.81 8.76 3.02
C ASP A 42 -3.47 7.28 3.19
N PHE A 43 -2.18 6.99 3.29
CA PHE A 43 -1.72 5.61 3.44
C PHE A 43 -2.26 5.00 4.74
N CYS A 44 -2.51 5.86 5.72
CA CYS A 44 -3.02 5.41 7.01
C CYS A 44 -4.41 4.80 6.87
N LEU A 45 -5.33 5.55 6.27
CA LEU A 45 -6.69 5.08 6.07
C LEU A 45 -6.73 3.99 4.99
N GLY A 46 -5.82 4.07 4.04
CA GLY A 46 -5.77 3.09 2.97
C GLY A 46 -5.20 1.76 3.43
N CYS A 47 -4.33 1.81 4.43
CA CYS A 47 -3.70 0.60 4.96
C CYS A 47 -4.75 -0.43 5.35
N ALA A 48 -5.44 -0.18 6.46
CA ALA A 48 -6.48 -1.09 6.93
C ALA A 48 -7.58 -1.26 5.88
N ALA A 49 -7.99 -2.51 5.66
CA ALA A 49 -9.04 -2.80 4.69
C ALA A 49 -9.45 -4.26 4.76
N ALA A 50 -10.75 -4.50 4.90
CA ALA A 50 -11.27 -5.86 4.98
C ALA A 50 -11.75 -6.34 3.62
N GLY A 1 -5.15 9.91 -17.88
CA GLY A 1 -4.10 10.88 -17.59
C GLY A 1 -2.79 10.55 -18.29
N SER A 2 -2.31 9.33 -18.08
CA SER A 2 -1.06 8.90 -18.69
C SER A 2 -1.13 7.42 -19.07
N SER A 3 -1.15 6.56 -18.06
CA SER A 3 -1.21 5.12 -18.29
C SER A 3 -2.37 4.49 -17.52
N GLY A 4 -3.40 4.09 -18.25
CA GLY A 4 -4.56 3.48 -17.62
C GLY A 4 -4.48 1.97 -17.58
N SER A 5 -5.02 1.37 -16.53
CA SER A 5 -5.00 -0.08 -16.39
C SER A 5 -3.58 -0.61 -16.40
N SER A 6 -3.44 -1.93 -16.40
CA SER A 6 -2.13 -2.57 -16.40
C SER A 6 -2.25 -4.08 -16.59
N GLY A 7 -1.49 -4.62 -17.54
CA GLY A 7 -1.52 -6.04 -17.81
C GLY A 7 -0.37 -6.78 -17.17
N GLU A 8 -0.53 -7.15 -15.90
CA GLU A 8 0.51 -7.87 -15.18
C GLU A 8 -0.09 -8.71 -14.05
N GLN A 9 0.72 -9.59 -13.48
CA GLN A 9 0.28 -10.44 -12.38
C GLN A 9 0.48 -9.77 -11.04
N ALA A 10 1.65 -9.13 -10.88
CA ALA A 10 1.97 -8.44 -9.63
C ALA A 10 0.99 -7.30 -9.37
N PRO A 11 0.93 -6.86 -8.10
CA PRO A 11 0.03 -5.76 -7.69
C PRO A 11 0.48 -4.42 -8.25
N GLY A 12 -0.32 -3.84 -9.13
CA GLY A 12 0.01 -2.55 -9.71
C GLY A 12 -0.72 -1.41 -9.05
N THR A 13 -1.03 -1.57 -7.76
CA THR A 13 -1.73 -0.54 -7.00
C THR A 13 -1.04 -0.27 -5.67
N ALA A 14 -0.69 -1.33 -4.97
CA ALA A 14 -0.02 -1.21 -3.68
C ALA A 14 1.00 -2.32 -3.48
N PRO A 15 2.08 -2.28 -4.28
CA PRO A 15 3.15 -3.29 -4.20
C PRO A 15 3.97 -3.17 -2.92
N CYS A 16 3.43 -3.68 -1.82
CA CYS A 16 4.10 -3.63 -0.53
C CYS A 16 3.99 -4.97 0.20
N SER A 17 4.43 -5.00 1.44
CA SER A 17 4.38 -6.22 2.25
C SER A 17 3.22 -6.18 3.24
N ARG A 18 3.17 -7.16 4.12
CA ARG A 18 2.12 -7.23 5.13
C ARG A 18 2.31 -6.16 6.19
N GLY A 19 1.34 -5.24 6.28
CA GLY A 19 1.41 -4.17 7.27
C GLY A 19 2.02 -2.91 6.69
N SER A 20 1.73 -2.64 5.42
CA SER A 20 2.26 -1.45 4.77
C SER A 20 1.22 -0.84 3.83
N SER A 21 1.34 0.46 3.57
CA SER A 21 0.42 1.16 2.69
C SER A 21 1.16 2.10 1.75
N TRP A 22 0.84 1.99 0.46
CA TRP A 22 1.48 2.84 -0.55
C TRP A 22 0.71 4.14 -0.72
N SER A 23 1.41 5.26 -0.53
CA SER A 23 0.79 6.57 -0.67
C SER A 23 1.19 7.22 -1.99
N ALA A 24 0.19 7.71 -2.72
CA ALA A 24 0.44 8.36 -4.01
C ALA A 24 1.00 9.76 -3.83
N ASP A 25 0.92 10.28 -2.61
CA ASP A 25 1.42 11.61 -2.29
C ASP A 25 2.94 11.65 -2.41
N LEU A 26 3.61 10.82 -1.63
CA LEU A 26 5.07 10.76 -1.64
C LEU A 26 5.56 9.61 -2.51
N ASP A 27 4.66 8.69 -2.83
CA ASP A 27 5.01 7.54 -3.65
C ASP A 27 6.02 6.64 -2.94
N LYS A 28 5.52 5.82 -2.02
CA LYS A 28 6.38 4.91 -1.27
C LYS A 28 5.55 3.99 -0.38
N CYS A 29 6.14 2.87 0.01
CA CYS A 29 5.46 1.90 0.88
C CYS A 29 5.65 2.25 2.35
N MET A 30 4.65 2.92 2.92
CA MET A 30 4.70 3.32 4.32
C MET A 30 4.26 2.18 5.23
N ASP A 31 4.49 2.33 6.52
CA ASP A 31 4.12 1.31 7.50
C ASP A 31 2.87 1.71 8.26
N CYS A 32 1.95 0.77 8.43
CA CYS A 32 0.71 1.04 9.15
C CYS A 32 0.99 1.62 10.53
N ALA A 33 2.11 1.23 11.12
CA ALA A 33 2.49 1.70 12.45
C ALA A 33 2.67 3.22 12.44
N SER A 34 2.97 3.77 11.27
CA SER A 34 3.17 5.21 11.14
C SER A 34 1.94 5.98 11.60
N CYS A 35 0.78 5.32 11.52
CA CYS A 35 -0.47 5.94 11.94
C CYS A 35 -0.37 6.51 13.34
N ARG A 36 0.48 5.88 14.17
CA ARG A 36 0.67 6.33 15.54
C ARG A 36 1.00 7.83 15.59
N ALA A 37 1.66 8.31 14.55
CA ALA A 37 2.04 9.71 14.47
C ALA A 37 1.23 10.44 13.39
N ARG A 38 0.87 9.70 12.34
CA ARG A 38 0.10 10.27 11.24
C ARG A 38 -1.20 9.53 11.05
N PRO A 39 -2.12 9.67 12.02
CA PRO A 39 -3.43 9.01 11.97
C PRO A 39 -4.33 9.60 10.90
N HIS A 40 -3.98 10.79 10.42
CA HIS A 40 -4.77 11.46 9.39
C HIS A 40 -4.01 11.51 8.07
N SER A 41 -3.52 10.34 7.63
CA SER A 41 -2.77 10.25 6.38
C SER A 41 -3.50 9.37 5.38
N ASP A 42 -3.22 9.59 4.09
CA ASP A 42 -3.85 8.80 3.04
C ASP A 42 -3.52 7.32 3.18
N PHE A 43 -2.23 7.01 3.22
CA PHE A 43 -1.78 5.63 3.36
C PHE A 43 -2.26 5.02 4.68
N CYS A 44 -2.48 5.88 5.68
CA CYS A 44 -2.94 5.44 6.98
C CYS A 44 -4.32 4.82 6.88
N LEU A 45 -5.28 5.59 6.36
CA LEU A 45 -6.65 5.12 6.21
C LEU A 45 -6.75 4.04 5.14
N GLY A 46 -5.88 4.14 4.13
CA GLY A 46 -5.88 3.16 3.05
C GLY A 46 -5.30 1.84 3.49
N CYS A 47 -4.38 1.87 4.44
CA CYS A 47 -3.74 0.65 4.94
C CYS A 47 -4.78 -0.37 5.35
N ALA A 48 -5.41 -0.13 6.49
CA ALA A 48 -6.44 -1.04 7.00
C ALA A 48 -7.58 -1.19 6.01
N ALA A 49 -7.78 -2.42 5.54
CA ALA A 49 -8.84 -2.70 4.58
C ALA A 49 -10.21 -2.58 5.23
N ALA A 50 -10.46 -3.41 6.24
CA ALA A 50 -11.73 -3.39 6.95
C ALA A 50 -12.90 -3.56 5.99
N GLY A 1 -11.79 -14.57 -17.75
CA GLY A 1 -10.60 -13.84 -17.39
C GLY A 1 -9.34 -14.68 -17.49
N SER A 2 -8.22 -14.15 -17.00
CA SER A 2 -6.95 -14.85 -17.06
C SER A 2 -6.55 -15.13 -18.50
N SER A 3 -5.95 -14.13 -19.14
CA SER A 3 -5.51 -14.27 -20.52
C SER A 3 -4.16 -13.59 -20.74
N GLY A 4 -3.27 -14.26 -21.45
CA GLY A 4 -1.96 -13.71 -21.72
C GLY A 4 -0.88 -14.78 -21.77
N SER A 5 0.08 -14.61 -22.68
CA SER A 5 1.17 -15.57 -22.83
C SER A 5 2.02 -15.62 -21.57
N SER A 6 2.09 -14.49 -20.87
CA SER A 6 2.89 -14.40 -19.65
C SER A 6 2.07 -13.78 -18.51
N GLY A 7 1.51 -12.61 -18.78
CA GLY A 7 0.71 -11.93 -17.77
C GLY A 7 1.45 -11.74 -16.47
N GLU A 8 0.71 -11.47 -15.40
CA GLU A 8 1.31 -11.26 -14.08
C GLU A 8 0.23 -11.17 -13.00
N GLN A 9 0.51 -11.74 -11.85
CA GLN A 9 -0.43 -11.72 -10.74
C GLN A 9 0.21 -11.12 -9.49
N ALA A 10 0.37 -9.80 -9.49
CA ALA A 10 0.96 -9.10 -8.37
C ALA A 10 0.27 -7.77 -8.11
N PRO A 11 0.44 -7.22 -6.90
CA PRO A 11 -0.17 -5.95 -6.50
C PRO A 11 0.47 -4.76 -7.24
N GLY A 12 -0.28 -4.16 -8.15
CA GLY A 12 0.23 -3.02 -8.89
C GLY A 12 -0.23 -1.70 -8.30
N THR A 13 -1.31 -1.72 -7.54
CA THR A 13 -1.84 -0.52 -6.92
C THR A 13 -1.17 -0.25 -5.58
N ALA A 14 -0.68 -1.31 -4.94
CA ALA A 14 -0.01 -1.19 -3.65
C ALA A 14 1.00 -2.30 -3.45
N PRO A 15 2.08 -2.29 -4.25
CA PRO A 15 3.14 -3.30 -4.17
C PRO A 15 3.96 -3.18 -2.89
N CYS A 16 3.40 -3.69 -1.78
CA CYS A 16 4.09 -3.64 -0.50
C CYS A 16 3.94 -4.97 0.24
N SER A 17 4.65 -5.10 1.36
CA SER A 17 4.61 -6.32 2.15
C SER A 17 3.47 -6.27 3.17
N ARG A 18 3.37 -7.31 3.99
CA ARG A 18 2.33 -7.37 5.02
C ARG A 18 2.53 -6.28 6.05
N GLY A 19 1.53 -5.40 6.19
CA GLY A 19 1.61 -4.33 7.15
C GLY A 19 2.24 -3.08 6.57
N SER A 20 1.73 -2.64 5.42
CA SER A 20 2.26 -1.45 4.77
C SER A 20 1.22 -0.85 3.82
N SER A 21 1.34 0.45 3.57
CA SER A 21 0.41 1.15 2.70
C SER A 21 1.16 2.09 1.75
N TRP A 22 0.84 2.00 0.46
CA TRP A 22 1.48 2.83 -0.55
C TRP A 22 0.72 4.13 -0.73
N SER A 23 1.41 5.26 -0.52
CA SER A 23 0.79 6.57 -0.66
C SER A 23 1.19 7.22 -1.99
N ALA A 24 0.19 7.71 -2.72
CA ALA A 24 0.44 8.35 -4.01
C ALA A 24 1.00 9.76 -3.82
N ASP A 25 0.91 10.27 -2.59
CA ASP A 25 1.41 11.61 -2.28
C ASP A 25 2.93 11.66 -2.40
N LEU A 26 3.61 10.82 -1.62
CA LEU A 26 5.07 10.77 -1.63
C LEU A 26 5.56 9.61 -2.50
N ASP A 27 4.66 8.69 -2.81
CA ASP A 27 5.01 7.54 -3.65
C ASP A 27 6.01 6.64 -2.93
N LYS A 28 5.52 5.82 -2.01
CA LYS A 28 6.38 4.91 -1.27
C LYS A 28 5.55 3.98 -0.37
N CYS A 29 6.15 2.86 0.02
CA CYS A 29 5.46 1.90 0.88
C CYS A 29 5.65 2.25 2.35
N MET A 30 4.65 2.92 2.92
CA MET A 30 4.70 3.32 4.32
C MET A 30 4.25 2.17 5.22
N ASP A 31 4.49 2.33 6.52
CA ASP A 31 4.12 1.30 7.50
C ASP A 31 2.86 1.71 8.27
N CYS A 32 1.94 0.77 8.44
CA CYS A 32 0.70 1.03 9.15
C CYS A 32 0.98 1.61 10.53
N ALA A 33 2.11 1.23 11.11
CA ALA A 33 2.50 1.71 12.44
C ALA A 33 2.67 3.23 12.43
N SER A 34 2.97 3.79 11.26
CA SER A 34 3.17 5.22 11.13
C SER A 34 1.93 5.99 11.60
N CYS A 35 0.78 5.33 11.52
CA CYS A 35 -0.48 5.95 11.93
C CYS A 35 -0.36 6.52 13.34
N ARG A 36 0.48 5.89 14.16
CA ARG A 36 0.68 6.34 15.54
C ARG A 36 1.01 7.83 15.59
N ALA A 37 1.67 8.32 14.54
CA ALA A 37 2.04 9.72 14.47
C ALA A 37 1.25 10.44 13.38
N ARG A 38 0.87 9.70 12.34
CA ARG A 38 0.11 10.27 11.24
C ARG A 38 -1.21 9.52 11.05
N PRO A 39 -2.12 9.67 12.02
CA PRO A 39 -3.43 9.01 11.97
C PRO A 39 -4.33 9.60 10.90
N HIS A 40 -3.98 10.79 10.42
CA HIS A 40 -4.77 11.46 9.39
C HIS A 40 -4.00 11.50 8.06
N SER A 41 -3.52 10.34 7.63
CA SER A 41 -2.77 10.25 6.38
C SER A 41 -3.50 9.35 5.38
N ASP A 42 -3.22 9.58 4.10
CA ASP A 42 -3.85 8.80 3.04
C ASP A 42 -3.52 7.32 3.18
N PHE A 43 -2.23 7.01 3.22
CA PHE A 43 -1.77 5.62 3.36
C PHE A 43 -2.26 5.02 4.68
N CYS A 44 -2.47 5.88 5.67
CA CYS A 44 -2.93 5.43 6.98
C CYS A 44 -4.33 4.82 6.88
N LEU A 45 -5.28 5.58 6.37
CA LEU A 45 -6.66 5.12 6.22
C LEU A 45 -6.75 4.05 5.14
N GLY A 46 -5.89 4.14 4.14
CA GLY A 46 -5.89 3.17 3.06
C GLY A 46 -5.30 1.84 3.48
N CYS A 47 -4.38 1.87 4.44
CA CYS A 47 -3.74 0.66 4.93
C CYS A 47 -4.78 -0.38 5.34
N ALA A 48 -5.41 -0.14 6.49
CA ALA A 48 -6.43 -1.05 7.01
C ALA A 48 -7.57 -1.20 6.01
N ALA A 49 -8.31 -2.31 6.12
CA ALA A 49 -9.43 -2.57 5.24
C ALA A 49 -10.69 -2.92 6.03
N ALA A 50 -10.56 -3.87 6.95
CA ALA A 50 -11.69 -4.28 7.77
C ALA A 50 -11.22 -4.86 9.10
N GLY A 1 -4.95 -9.87 -17.88
CA GLY A 1 -4.61 -10.33 -16.55
C GLY A 1 -5.39 -9.60 -15.47
N SER A 2 -5.30 -10.09 -14.24
CA SER A 2 -6.01 -9.49 -13.12
C SER A 2 -7.51 -9.41 -13.40
N SER A 3 -8.07 -10.52 -13.87
CA SER A 3 -9.49 -10.57 -14.18
C SER A 3 -10.24 -11.38 -13.12
N GLY A 4 -9.55 -12.31 -12.49
CA GLY A 4 -10.16 -13.13 -11.45
C GLY A 4 -9.19 -14.13 -10.85
N SER A 5 -9.72 -15.22 -10.31
CA SER A 5 -8.90 -16.25 -9.69
C SER A 5 -8.13 -17.04 -10.75
N SER A 6 -7.21 -17.87 -10.29
CA SER A 6 -6.39 -18.69 -11.20
C SER A 6 -5.69 -17.81 -12.22
N GLY A 7 -5.29 -16.61 -11.79
CA GLY A 7 -4.61 -15.69 -12.69
C GLY A 7 -3.91 -14.57 -11.94
N GLU A 8 -2.63 -14.77 -11.62
CA GLU A 8 -1.86 -13.76 -10.91
C GLU A 8 -0.92 -13.03 -11.86
N GLN A 9 -0.54 -11.80 -11.47
CA GLN A 9 0.35 -10.99 -12.29
C GLN A 9 0.97 -9.87 -11.46
N ALA A 10 0.13 -9.01 -10.92
CA ALA A 10 0.59 -7.89 -10.11
C ALA A 10 -0.32 -7.68 -8.90
N PRO A 11 0.21 -6.98 -7.88
CA PRO A 11 -0.54 -6.69 -6.65
C PRO A 11 -1.68 -5.71 -6.87
N GLY A 12 -1.42 -4.68 -7.68
CA GLY A 12 -2.43 -3.69 -7.97
C GLY A 12 -1.89 -2.27 -7.87
N THR A 13 -2.45 -1.48 -6.96
CA THR A 13 -2.03 -0.10 -6.77
C THR A 13 -1.38 0.09 -5.41
N ALA A 14 -0.64 -0.92 -4.96
CA ALA A 14 0.04 -0.86 -3.68
C ALA A 14 1.01 -2.03 -3.52
N PRO A 15 2.08 -2.03 -4.32
CA PRO A 15 3.10 -3.09 -4.28
C PRO A 15 3.93 -3.04 -3.00
N CYS A 16 3.37 -3.56 -1.91
CA CYS A 16 4.06 -3.58 -0.64
C CYS A 16 3.97 -4.96 0.01
N SER A 17 4.38 -5.05 1.27
CA SER A 17 4.35 -6.31 2.01
C SER A 17 3.26 -6.29 3.07
N ARG A 18 3.26 -7.31 3.92
CA ARG A 18 2.27 -7.40 5.00
C ARG A 18 2.49 -6.33 6.04
N GLY A 19 1.53 -5.41 6.17
CA GLY A 19 1.64 -4.34 7.14
C GLY A 19 2.27 -3.09 6.55
N SER A 20 1.74 -2.63 5.42
CA SER A 20 2.26 -1.45 4.77
C SER A 20 1.23 -0.84 3.83
N SER A 21 1.35 0.46 3.57
CA SER A 21 0.42 1.16 2.69
C SER A 21 1.16 2.10 1.75
N TRP A 22 0.84 1.99 0.46
CA TRP A 22 1.48 2.84 -0.55
C TRP A 22 0.71 4.14 -0.72
N SER A 23 1.41 5.26 -0.54
CA SER A 23 0.80 6.58 -0.69
C SER A 23 1.19 7.22 -2.01
N ALA A 24 0.20 7.71 -2.74
CA ALA A 24 0.44 8.36 -4.02
C ALA A 24 1.01 9.77 -3.84
N ASP A 25 0.91 10.28 -2.61
CA ASP A 25 1.43 11.61 -2.31
C ASP A 25 2.94 11.65 -2.43
N LEU A 26 3.62 10.82 -1.65
CA LEU A 26 5.08 10.76 -1.66
C LEU A 26 5.56 9.61 -2.53
N ASP A 27 4.66 8.68 -2.84
CA ASP A 27 5.01 7.53 -3.67
C ASP A 27 6.01 6.63 -2.96
N LYS A 28 5.52 5.81 -2.04
CA LYS A 28 6.38 4.90 -1.28
C LYS A 28 5.55 3.98 -0.39
N CYS A 29 6.14 2.87 0.01
CA CYS A 29 5.46 1.90 0.87
C CYS A 29 5.64 2.26 2.34
N MET A 30 4.65 2.93 2.90
CA MET A 30 4.71 3.33 4.31
C MET A 30 4.26 2.19 5.22
N ASP A 31 4.50 2.34 6.52
CA ASP A 31 4.12 1.32 7.49
C ASP A 31 2.88 1.73 8.26
N CYS A 32 1.95 0.79 8.44
CA CYS A 32 0.72 1.06 9.15
C CYS A 32 1.00 1.65 10.53
N ALA A 33 2.08 1.21 11.14
CA ALA A 33 2.47 1.71 12.46
C ALA A 33 2.64 3.23 12.45
N SER A 34 2.97 3.78 11.28
CA SER A 34 3.17 5.20 11.15
C SER A 34 1.94 5.97 11.61
N CYS A 35 0.78 5.32 11.53
CA CYS A 35 -0.47 5.94 11.94
C CYS A 35 -0.37 6.50 13.36
N ARG A 36 0.48 5.88 14.17
CA ARG A 36 0.67 6.32 15.54
C ARG A 36 0.99 7.81 15.60
N ALA A 37 1.66 8.31 14.57
CA ALA A 37 2.01 9.72 14.50
C ALA A 37 1.23 10.44 13.42
N ARG A 38 0.86 9.70 12.37
CA ARG A 38 0.11 10.27 11.26
C ARG A 38 -1.20 9.52 11.07
N PRO A 39 -2.12 9.67 12.03
CA PRO A 39 -3.43 9.00 11.99
C PRO A 39 -4.34 9.59 10.91
N HIS A 40 -3.99 10.78 10.43
CA HIS A 40 -4.76 11.45 9.39
C HIS A 40 -4.00 11.49 8.07
N SER A 41 -3.52 10.34 7.63
CA SER A 41 -2.77 10.25 6.38
C SER A 41 -3.49 9.36 5.37
N ASP A 42 -3.21 9.59 4.09
CA ASP A 42 -3.84 8.81 3.02
C ASP A 42 -3.50 7.33 3.17
N PHE A 43 -2.21 7.02 3.22
CA PHE A 43 -1.77 5.63 3.35
C PHE A 43 -2.26 5.03 4.67
N CYS A 44 -2.46 5.89 5.67
CA CYS A 44 -2.92 5.44 6.97
C CYS A 44 -4.31 4.84 6.88
N LEU A 45 -5.26 5.61 6.34
CA LEU A 45 -6.63 5.14 6.20
C LEU A 45 -6.73 4.06 5.13
N GLY A 46 -5.85 4.14 4.12
CA GLY A 46 -5.87 3.16 3.06
C GLY A 46 -5.28 1.83 3.48
N CYS A 47 -4.36 1.87 4.44
CA CYS A 47 -3.73 0.66 4.95
C CYS A 47 -4.78 -0.37 5.37
N ALA A 48 -5.41 -0.13 6.51
CA ALA A 48 -6.44 -1.03 7.02
C ALA A 48 -7.58 -1.19 6.02
N ALA A 49 -7.97 -2.43 5.77
CA ALA A 49 -9.06 -2.72 4.83
C ALA A 49 -10.40 -2.30 5.41
N ALA A 50 -10.83 -1.08 5.09
CA ALA A 50 -12.10 -0.57 5.58
C ALA A 50 -13.25 -0.94 4.62
N GLY A 1 3.39 -6.60 -21.86
CA GLY A 1 3.50 -8.02 -22.11
C GLY A 1 2.55 -8.51 -23.18
N SER A 2 2.36 -9.82 -23.25
CA SER A 2 1.46 -10.42 -24.24
C SER A 2 1.08 -11.83 -23.83
N SER A 3 0.07 -11.94 -22.98
CA SER A 3 -0.41 -13.25 -22.51
C SER A 3 -1.80 -13.12 -21.90
N GLY A 4 -2.74 -13.89 -22.43
CA GLY A 4 -4.09 -13.86 -21.92
C GLY A 4 -4.23 -14.59 -20.59
N SER A 5 -3.94 -13.89 -19.50
CA SER A 5 -4.03 -14.48 -18.17
C SER A 5 -4.93 -13.65 -17.26
N SER A 6 -6.00 -14.26 -16.77
CA SER A 6 -6.94 -13.57 -15.90
C SER A 6 -7.00 -14.25 -14.52
N GLY A 7 -6.72 -13.48 -13.48
CA GLY A 7 -6.74 -14.01 -12.13
C GLY A 7 -5.66 -13.44 -11.25
N GLU A 8 -4.41 -13.53 -11.71
CA GLU A 8 -3.28 -13.01 -10.97
C GLU A 8 -2.38 -12.16 -11.85
N GLN A 9 -2.37 -10.85 -11.60
CA GLN A 9 -1.56 -9.93 -12.39
C GLN A 9 -1.13 -8.73 -11.54
N ALA A 10 0.08 -8.80 -11.00
CA ALA A 10 0.61 -7.72 -10.17
C ALA A 10 -0.23 -7.54 -8.90
N PRO A 11 0.36 -6.89 -7.89
CA PRO A 11 -0.32 -6.64 -6.61
C PRO A 11 -1.44 -5.61 -6.75
N GLY A 12 -1.24 -4.63 -7.61
CA GLY A 12 -2.24 -3.60 -7.82
C GLY A 12 -1.68 -2.20 -7.71
N THR A 13 -2.38 -1.33 -7.00
CA THR A 13 -1.94 0.05 -6.82
C THR A 13 -1.25 0.25 -5.48
N ALA A 14 -0.66 -0.83 -4.97
CA ALA A 14 0.03 -0.78 -3.68
C ALA A 14 0.99 -1.96 -3.53
N PRO A 15 2.06 -1.97 -4.34
CA PRO A 15 3.07 -3.03 -4.32
C PRO A 15 3.92 -3.00 -3.05
N CYS A 16 3.35 -3.51 -1.96
CA CYS A 16 4.06 -3.53 -0.68
C CYS A 16 3.97 -4.92 -0.04
N SER A 17 4.41 -5.02 1.21
CA SER A 17 4.38 -6.29 1.93
C SER A 17 3.29 -6.30 2.98
N ARG A 18 3.30 -7.31 3.84
CA ARG A 18 2.30 -7.44 4.89
C ARG A 18 2.49 -6.35 5.95
N GLY A 19 1.49 -5.49 6.09
CA GLY A 19 1.57 -4.42 7.07
C GLY A 19 2.20 -3.17 6.49
N SER A 20 1.68 -2.70 5.37
CA SER A 20 2.21 -1.50 4.73
C SER A 20 1.19 -0.89 3.79
N SER A 21 1.31 0.42 3.55
CA SER A 21 0.38 1.13 2.68
C SER A 21 1.13 2.08 1.74
N TRP A 22 0.83 2.00 0.46
CA TRP A 22 1.47 2.85 -0.54
C TRP A 22 0.71 4.17 -0.70
N SER A 23 1.41 5.27 -0.48
CA SER A 23 0.79 6.59 -0.61
C SER A 23 1.19 7.25 -1.93
N ALA A 24 0.20 7.77 -2.65
CA ALA A 24 0.44 8.42 -3.93
C ALA A 24 1.01 9.82 -3.72
N ASP A 25 0.93 10.31 -2.50
CA ASP A 25 1.44 11.64 -2.17
C ASP A 25 2.96 11.68 -2.29
N LEU A 26 3.64 10.84 -1.52
CA LEU A 26 5.09 10.77 -1.53
C LEU A 26 5.57 9.63 -2.42
N ASP A 27 4.68 8.71 -2.75
CA ASP A 27 5.00 7.57 -3.58
C ASP A 27 6.01 6.66 -2.88
N LYS A 28 5.52 5.83 -1.97
CA LYS A 28 6.38 4.90 -1.23
C LYS A 28 5.54 3.98 -0.36
N CYS A 29 6.13 2.85 0.03
CA CYS A 29 5.45 1.88 0.88
C CYS A 29 5.62 2.22 2.35
N MET A 30 4.63 2.88 2.93
CA MET A 30 4.68 3.26 4.34
C MET A 30 4.23 2.11 5.23
N ASP A 31 4.46 2.25 6.53
CA ASP A 31 4.08 1.22 7.49
C ASP A 31 2.83 1.64 8.27
N CYS A 32 1.93 0.69 8.47
CA CYS A 32 0.70 0.96 9.21
C CYS A 32 1.00 1.56 10.58
N ALA A 33 2.17 1.24 11.12
CA ALA A 33 2.58 1.74 12.42
C ALA A 33 2.74 3.26 12.40
N SER A 34 3.00 3.80 11.22
CA SER A 34 3.18 5.24 11.06
C SER A 34 1.95 6.00 11.55
N CYS A 35 0.80 5.33 11.50
CA CYS A 35 -0.46 5.93 11.94
C CYS A 35 -0.31 6.53 13.33
N ARG A 36 0.57 5.94 14.15
CA ARG A 36 0.79 6.42 15.50
C ARG A 36 1.10 7.91 15.51
N ALA A 37 1.71 8.39 14.42
CA ALA A 37 2.06 9.80 14.31
C ALA A 37 1.20 10.50 13.25
N ARG A 38 0.89 9.78 12.18
CA ARG A 38 0.07 10.32 11.10
C ARG A 38 -1.23 9.54 10.96
N PRO A 39 -2.12 9.69 11.96
CA PRO A 39 -3.42 9.01 11.97
C PRO A 39 -4.37 9.56 10.90
N HIS A 40 -4.04 10.73 10.37
CA HIS A 40 -4.86 11.36 9.35
C HIS A 40 -4.15 11.36 8.00
N SER A 41 -3.37 10.32 7.75
CA SER A 41 -2.62 10.20 6.50
C SER A 41 -3.37 9.32 5.50
N ASP A 42 -3.13 9.55 4.22
CA ASP A 42 -3.78 8.78 3.17
C ASP A 42 -3.44 7.29 3.30
N PHE A 43 -2.15 6.99 3.39
CA PHE A 43 -1.69 5.61 3.51
C PHE A 43 -2.21 4.98 4.80
N CYS A 44 -2.47 5.82 5.80
CA CYS A 44 -2.97 5.34 7.08
C CYS A 44 -4.35 4.73 6.94
N LEU A 45 -5.28 5.49 6.37
CA LEU A 45 -6.64 5.02 6.15
C LEU A 45 -6.69 3.96 5.08
N GLY A 46 -5.79 4.06 4.11
CA GLY A 46 -5.75 3.09 3.02
C GLY A 46 -5.17 1.76 3.45
N CYS A 47 -4.29 1.79 4.45
CA CYS A 47 -3.67 0.59 4.95
C CYS A 47 -4.72 -0.46 5.32
N ALA A 48 -5.41 -0.24 6.44
CA ALA A 48 -6.44 -1.16 6.89
C ALA A 48 -7.54 -1.31 5.85
N ALA A 49 -8.02 -2.54 5.67
CA ALA A 49 -9.07 -2.82 4.70
C ALA A 49 -10.45 -2.73 5.36
N ALA A 50 -10.58 -3.34 6.53
CA ALA A 50 -11.85 -3.34 7.25
C ALA A 50 -12.95 -4.00 6.44
N GLY A 1 1.28 -19.77 -27.63
CA GLY A 1 -0.10 -20.16 -27.81
C GLY A 1 -1.06 -19.28 -27.02
N SER A 2 -1.61 -18.27 -27.68
CA SER A 2 -2.53 -17.35 -27.04
C SER A 2 -1.85 -16.60 -25.90
N SER A 3 -2.46 -15.50 -25.48
CA SER A 3 -1.92 -14.68 -24.41
C SER A 3 -2.97 -14.42 -23.33
N GLY A 4 -2.54 -14.44 -22.07
CA GLY A 4 -3.45 -14.21 -20.97
C GLY A 4 -2.84 -14.56 -19.63
N SER A 5 -3.65 -15.11 -18.74
CA SER A 5 -3.18 -15.49 -17.41
C SER A 5 -2.01 -16.46 -17.50
N SER A 6 -0.81 -15.96 -17.21
CA SER A 6 0.39 -16.78 -17.27
C SER A 6 1.22 -16.61 -16.00
N GLY A 7 1.74 -15.40 -15.80
CA GLY A 7 2.54 -15.13 -14.62
C GLY A 7 1.70 -14.84 -13.39
N GLU A 8 1.35 -13.58 -13.19
CA GLU A 8 0.53 -13.18 -12.04
C GLU A 8 0.17 -11.70 -12.12
N GLN A 9 -1.09 -11.40 -11.83
CA GLN A 9 -1.58 -10.02 -11.87
C GLN A 9 -0.90 -9.18 -10.80
N ALA A 10 -0.96 -9.66 -9.55
CA ALA A 10 -0.35 -8.94 -8.44
C ALA A 10 -1.01 -7.58 -8.23
N PRO A 11 -0.83 -7.03 -7.02
CA PRO A 11 -1.40 -5.72 -6.67
C PRO A 11 -0.74 -4.56 -7.41
N GLY A 12 -1.41 -4.05 -8.43
CA GLY A 12 -0.86 -2.96 -9.20
C GLY A 12 -1.29 -1.60 -8.67
N THR A 13 -1.73 -1.57 -7.42
CA THR A 13 -2.16 -0.33 -6.79
C THR A 13 -1.35 -0.02 -5.54
N ALA A 14 -0.94 -1.07 -4.83
CA ALA A 14 -0.15 -0.92 -3.62
C ALA A 14 0.82 -2.08 -3.44
N PRO A 15 1.86 -2.12 -4.28
CA PRO A 15 2.87 -3.18 -4.24
C PRO A 15 3.75 -3.09 -2.99
N CYS A 16 3.25 -3.61 -1.87
CA CYS A 16 3.99 -3.58 -0.62
C CYS A 16 3.95 -4.95 0.07
N SER A 17 4.44 -4.99 1.30
CA SER A 17 4.45 -6.23 2.07
C SER A 17 3.34 -6.24 3.11
N ARG A 18 3.39 -7.23 4.00
CA ARG A 18 2.39 -7.34 5.06
C ARG A 18 2.53 -6.22 6.08
N GLY A 19 1.49 -5.41 6.21
CA GLY A 19 1.51 -4.31 7.15
C GLY A 19 2.16 -3.07 6.57
N SER A 20 1.67 -2.64 5.42
CA SER A 20 2.21 -1.45 4.75
C SER A 20 1.18 -0.83 3.82
N SER A 21 1.31 0.47 3.57
CA SER A 21 0.38 1.18 2.69
C SER A 21 1.14 2.11 1.75
N TRP A 22 0.80 2.02 0.46
CA TRP A 22 1.45 2.85 -0.55
C TRP A 22 0.71 4.17 -0.72
N SER A 23 1.41 5.28 -0.51
CA SER A 23 0.82 6.60 -0.64
C SER A 23 1.21 7.24 -1.97
N ALA A 24 0.21 7.76 -2.69
CA ALA A 24 0.45 8.40 -3.98
C ALA A 24 1.04 9.79 -3.79
N ASP A 25 0.96 10.31 -2.57
CA ASP A 25 1.49 11.63 -2.26
C ASP A 25 3.01 11.65 -2.40
N LEU A 26 3.68 10.80 -1.62
CA LEU A 26 5.13 10.73 -1.66
C LEU A 26 5.60 9.57 -2.53
N ASP A 27 4.69 8.66 -2.83
CA ASP A 27 5.00 7.51 -3.66
C ASP A 27 6.01 6.60 -2.97
N LYS A 28 5.51 5.78 -2.04
CA LYS A 28 6.37 4.85 -1.30
C LYS A 28 5.54 3.95 -0.41
N CYS A 29 6.11 2.82 -0.02
CA CYS A 29 5.43 1.85 0.84
C CYS A 29 5.64 2.21 2.31
N MET A 30 4.66 2.88 2.90
CA MET A 30 4.73 3.27 4.30
C MET A 30 4.26 2.13 5.21
N ASP A 31 4.52 2.28 6.50
CA ASP A 31 4.13 1.25 7.48
C ASP A 31 2.89 1.70 8.25
N CYS A 32 1.95 0.77 8.43
CA CYS A 32 0.72 1.06 9.15
C CYS A 32 1.01 1.63 10.54
N ALA A 33 2.17 1.28 11.08
CA ALA A 33 2.58 1.76 12.39
C ALA A 33 2.73 3.28 12.39
N SER A 34 3.00 3.84 11.22
CA SER A 34 3.18 5.29 11.10
C SER A 34 1.95 6.03 11.58
N CYS A 35 0.80 5.37 11.52
CA CYS A 35 -0.45 5.97 11.95
C CYS A 35 -0.34 6.53 13.37
N ARG A 36 0.53 5.91 14.16
CA ARG A 36 0.74 6.34 15.54
C ARG A 36 1.03 7.83 15.60
N ALA A 37 1.67 8.35 14.55
CA ALA A 37 2.01 9.77 14.48
C ALA A 37 1.18 10.48 13.43
N ARG A 38 0.82 9.76 12.38
CA ARG A 38 0.02 10.33 11.30
C ARG A 38 -1.27 9.54 11.10
N PRO A 39 -2.19 9.66 12.06
CA PRO A 39 -3.48 8.97 12.02
C PRO A 39 -4.40 9.52 10.94
N HIS A 40 -4.08 10.71 10.45
CA HIS A 40 -4.88 11.35 9.41
C HIS A 40 -4.10 11.44 8.10
N SER A 41 -3.56 10.30 7.67
CA SER A 41 -2.79 10.24 6.43
C SER A 41 -3.48 9.35 5.40
N ASP A 42 -3.18 9.60 4.13
CA ASP A 42 -3.78 8.82 3.04
C ASP A 42 -3.45 7.34 3.20
N PHE A 43 -2.16 7.02 3.31
CA PHE A 43 -1.72 5.64 3.47
C PHE A 43 -2.27 5.03 4.75
N CYS A 44 -2.54 5.89 5.74
CA CYS A 44 -3.07 5.45 7.02
C CYS A 44 -4.46 4.83 6.85
N LEU A 45 -5.35 5.58 6.22
CA LEU A 45 -6.72 5.11 6.00
C LEU A 45 -6.75 4.03 4.93
N GLY A 46 -5.83 4.11 3.98
CA GLY A 46 -5.78 3.12 2.91
C GLY A 46 -5.21 1.80 3.38
N CYS A 47 -4.35 1.84 4.39
CA CYS A 47 -3.73 0.64 4.93
C CYS A 47 -4.79 -0.39 5.30
N ALA A 48 -5.50 -0.15 6.40
CA ALA A 48 -6.55 -1.06 6.86
C ALA A 48 -7.63 -1.22 5.80
N ALA A 49 -7.66 -2.39 5.18
CA ALA A 49 -8.65 -2.67 4.15
C ALA A 49 -9.84 -3.44 4.72
N ALA A 50 -9.55 -4.40 5.60
CA ALA A 50 -10.60 -5.20 6.22
C ALA A 50 -10.43 -5.25 7.74
N GLY A 1 12.50 -15.51 -19.48
CA GLY A 1 12.08 -15.06 -20.80
C GLY A 1 11.47 -13.67 -20.77
N SER A 2 10.16 -13.61 -20.54
CA SER A 2 9.46 -12.32 -20.49
C SER A 2 8.79 -12.12 -19.13
N SER A 3 8.93 -10.91 -18.59
CA SER A 3 8.34 -10.60 -17.29
C SER A 3 7.00 -9.88 -17.46
N GLY A 4 5.93 -10.67 -17.50
CA GLY A 4 4.60 -10.11 -17.66
C GLY A 4 4.18 -10.02 -19.11
N SER A 5 3.25 -10.89 -19.51
CA SER A 5 2.77 -10.90 -20.88
C SER A 5 1.48 -11.71 -20.99
N SER A 6 0.48 -11.14 -21.65
CA SER A 6 -0.80 -11.81 -21.83
C SER A 6 -1.37 -12.27 -20.48
N GLY A 7 -1.84 -11.30 -19.68
CA GLY A 7 -2.40 -11.63 -18.39
C GLY A 7 -1.97 -10.65 -17.31
N GLU A 8 -2.25 -10.98 -16.05
CA GLU A 8 -1.90 -10.12 -14.94
C GLU A 8 -1.18 -10.91 -13.85
N GLN A 9 -0.08 -10.34 -13.34
CA GLN A 9 0.69 -11.00 -12.30
C GLN A 9 1.32 -9.97 -11.36
N ALA A 10 0.50 -9.05 -10.86
CA ALA A 10 0.98 -8.01 -9.96
C ALA A 10 -0.18 -7.16 -9.45
N PRO A 11 0.05 -6.46 -8.32
CA PRO A 11 -0.95 -5.60 -7.71
C PRO A 11 -1.25 -4.36 -8.54
N GLY A 12 -0.19 -3.71 -9.02
CA GLY A 12 -0.34 -2.51 -9.83
C GLY A 12 -1.16 -1.45 -9.13
N THR A 13 -1.11 -1.43 -7.81
CA THR A 13 -1.85 -0.46 -7.02
C THR A 13 -1.17 -0.20 -5.68
N ALA A 14 -0.72 -1.26 -5.03
CA ALA A 14 -0.05 -1.15 -3.75
C ALA A 14 0.98 -2.26 -3.56
N PRO A 15 2.05 -2.22 -4.36
CA PRO A 15 3.12 -3.22 -4.30
C PRO A 15 3.95 -3.11 -3.02
N CYS A 16 3.41 -3.63 -1.93
CA CYS A 16 4.10 -3.59 -0.65
C CYS A 16 4.04 -4.96 0.05
N SER A 17 4.49 -5.00 1.29
CA SER A 17 4.50 -6.24 2.06
C SER A 17 3.38 -6.24 3.11
N ARG A 18 3.41 -7.23 3.99
CA ARG A 18 2.41 -7.35 5.04
C ARG A 18 2.55 -6.23 6.06
N GLY A 19 1.49 -5.42 6.19
CA GLY A 19 1.52 -4.31 7.13
C GLY A 19 2.17 -3.07 6.55
N SER A 20 1.67 -2.64 5.39
CA SER A 20 2.21 -1.46 4.73
C SER A 20 1.18 -0.84 3.79
N SER A 21 1.30 0.46 3.55
CA SER A 21 0.38 1.17 2.67
C SER A 21 1.13 2.10 1.73
N TRP A 22 0.82 2.01 0.44
CA TRP A 22 1.47 2.84 -0.56
C TRP A 22 0.71 4.15 -0.74
N SER A 23 1.41 5.26 -0.54
CA SER A 23 0.81 6.59 -0.68
C SER A 23 1.21 7.23 -2.00
N ALA A 24 0.22 7.73 -2.73
CA ALA A 24 0.47 8.38 -4.02
C ALA A 24 1.04 9.77 -3.82
N ASP A 25 0.96 10.28 -2.60
CA ASP A 25 1.47 11.62 -2.28
C ASP A 25 2.99 11.65 -2.40
N LEU A 26 3.65 10.81 -1.62
CA LEU A 26 5.11 10.74 -1.63
C LEU A 26 5.60 9.59 -2.49
N ASP A 27 4.69 8.68 -2.83
CA ASP A 27 5.03 7.52 -3.66
C ASP A 27 6.02 6.62 -2.95
N LYS A 28 5.53 5.79 -2.04
CA LYS A 28 6.38 4.88 -1.29
C LYS A 28 5.54 3.97 -0.39
N CYS A 29 6.13 2.84 0.00
CA CYS A 29 5.44 1.88 0.85
C CYS A 29 5.62 2.23 2.33
N MET A 30 4.62 2.90 2.89
CA MET A 30 4.67 3.28 4.30
C MET A 30 4.23 2.15 5.21
N ASP A 31 4.46 2.29 6.50
CA ASP A 31 4.08 1.27 7.47
C ASP A 31 2.85 1.70 8.27
N CYS A 32 1.92 0.77 8.46
CA CYS A 32 0.70 1.06 9.20
C CYS A 32 1.01 1.63 10.58
N ALA A 33 2.18 1.28 11.10
CA ALA A 33 2.61 1.76 12.41
C ALA A 33 2.77 3.28 12.41
N SER A 34 3.01 3.85 11.24
CA SER A 34 3.19 5.29 11.10
C SER A 34 1.96 6.03 11.59
N CYS A 35 0.81 5.36 11.52
CA CYS A 35 -0.45 5.97 11.95
C CYS A 35 -0.33 6.52 13.36
N ARG A 36 0.52 5.91 14.17
CA ARG A 36 0.73 6.34 15.55
C ARG A 36 1.02 7.83 15.60
N ALA A 37 1.67 8.35 14.56
CA ALA A 37 2.02 9.76 14.50
C ALA A 37 1.20 10.48 13.43
N ARG A 38 0.82 9.73 12.38
CA ARG A 38 0.04 10.30 11.29
C ARG A 38 -1.26 9.52 11.10
N PRO A 39 -2.18 9.65 12.06
CA PRO A 39 -3.47 8.97 12.01
C PRO A 39 -4.38 9.52 10.93
N HIS A 40 -4.06 10.71 10.45
CA HIS A 40 -4.85 11.36 9.40
C HIS A 40 -4.07 11.44 8.10
N SER A 41 -3.58 10.29 7.63
CA SER A 41 -2.81 10.24 6.39
C SER A 41 -3.50 9.33 5.37
N ASP A 42 -3.20 9.58 4.10
CA ASP A 42 -3.80 8.80 3.02
C ASP A 42 -3.46 7.32 3.19
N PHE A 43 -2.18 7.01 3.28
CA PHE A 43 -1.72 5.63 3.44
C PHE A 43 -2.25 5.03 4.73
N CYS A 44 -2.51 5.89 5.72
CA CYS A 44 -3.02 5.44 7.01
C CYS A 44 -4.41 4.83 6.86
N LEU A 45 -5.32 5.58 6.25
CA LEU A 45 -6.69 5.11 6.04
C LEU A 45 -6.74 4.02 4.98
N GLY A 46 -5.82 4.11 4.02
CA GLY A 46 -5.77 3.11 2.95
C GLY A 46 -5.21 1.79 3.42
N CYS A 47 -4.33 1.84 4.42
CA CYS A 47 -3.72 0.63 4.96
C CYS A 47 -4.78 -0.40 5.33
N ALA A 48 -5.47 -0.15 6.44
CA ALA A 48 -6.51 -1.06 6.92
C ALA A 48 -7.61 -1.22 5.88
N ALA A 49 -8.19 -2.41 5.83
CA ALA A 49 -9.26 -2.70 4.87
C ALA A 49 -10.32 -3.60 5.49
N ALA A 50 -9.88 -4.69 6.11
CA ALA A 50 -10.79 -5.63 6.75
C ALA A 50 -10.20 -6.18 8.05
N GLY A 1 12.31 -25.75 -6.16
CA GLY A 1 11.29 -24.76 -6.40
C GLY A 1 11.22 -23.72 -5.30
N SER A 2 10.99 -22.46 -5.69
CA SER A 2 10.91 -21.37 -4.72
C SER A 2 9.49 -20.81 -4.67
N SER A 3 9.07 -20.19 -5.77
CA SER A 3 7.74 -19.60 -5.85
C SER A 3 7.52 -18.60 -4.73
N GLY A 4 8.19 -17.46 -4.82
CA GLY A 4 8.06 -16.43 -3.81
C GLY A 4 6.64 -15.89 -3.70
N SER A 5 6.38 -15.13 -2.64
CA SER A 5 5.04 -14.56 -2.43
C SER A 5 4.78 -13.43 -3.42
N SER A 6 4.12 -13.75 -4.53
CA SER A 6 3.81 -12.77 -5.54
C SER A 6 2.76 -13.32 -6.52
N GLY A 7 1.71 -12.54 -6.75
CA GLY A 7 0.67 -12.95 -7.66
C GLY A 7 0.98 -12.61 -9.11
N GLU A 8 -0.06 -12.45 -9.92
CA GLU A 8 0.12 -12.12 -11.33
C GLU A 8 -0.51 -10.76 -11.65
N GLN A 9 -0.13 -10.21 -12.80
CA GLN A 9 -0.64 -8.91 -13.22
C GLN A 9 -0.44 -7.86 -12.14
N ALA A 10 0.66 -7.97 -11.41
CA ALA A 10 0.97 -7.03 -10.33
C ALA A 10 -0.08 -7.10 -9.22
N PRO A 11 0.29 -6.61 -8.03
CA PRO A 11 -0.60 -6.60 -6.87
C PRO A 11 -1.76 -5.61 -7.03
N GLY A 12 -1.53 -4.57 -7.83
CA GLY A 12 -2.57 -3.57 -8.06
C GLY A 12 -2.02 -2.15 -7.98
N THR A 13 -2.46 -1.40 -6.97
CA THR A 13 -2.01 -0.03 -6.79
C THR A 13 -1.34 0.16 -5.44
N ALA A 14 -0.66 -0.88 -4.97
CA ALA A 14 0.03 -0.82 -3.68
C ALA A 14 0.99 -2.00 -3.52
N PRO A 15 2.06 -2.01 -4.33
CA PRO A 15 3.07 -3.08 -4.30
C PRO A 15 3.90 -3.03 -3.02
N CYS A 16 3.34 -3.54 -1.93
CA CYS A 16 4.03 -3.56 -0.65
C CYS A 16 3.93 -4.94 0.00
N SER A 17 4.36 -5.03 1.25
CA SER A 17 4.32 -6.29 1.98
C SER A 17 3.24 -6.27 3.05
N ARG A 18 3.24 -7.28 3.91
CA ARG A 18 2.25 -7.38 4.98
C ARG A 18 2.46 -6.28 6.02
N GLY A 19 1.46 -5.42 6.17
CA GLY A 19 1.56 -4.33 7.13
C GLY A 19 2.21 -3.09 6.54
N SER A 20 1.69 -2.64 5.41
CA SER A 20 2.23 -1.46 4.73
C SER A 20 1.19 -0.85 3.79
N SER A 21 1.31 0.45 3.55
CA SER A 21 0.38 1.15 2.67
C SER A 21 1.13 2.10 1.74
N TRP A 22 0.82 2.01 0.45
CA TRP A 22 1.46 2.84 -0.56
C TRP A 22 0.71 4.16 -0.73
N SER A 23 1.41 5.27 -0.53
CA SER A 23 0.81 6.58 -0.67
C SER A 23 1.20 7.24 -1.99
N ALA A 24 0.22 7.73 -2.72
CA ALA A 24 0.46 8.38 -4.00
C ALA A 24 1.03 9.78 -3.81
N ASP A 25 0.95 10.29 -2.58
CA ASP A 25 1.46 11.61 -2.27
C ASP A 25 2.99 11.65 -2.38
N LEU A 26 3.65 10.81 -1.60
CA LEU A 26 5.10 10.75 -1.61
C LEU A 26 5.60 9.59 -2.49
N ASP A 27 4.68 8.69 -2.81
CA ASP A 27 5.01 7.53 -3.65
C ASP A 27 6.02 6.63 -2.94
N LYS A 28 5.53 5.80 -2.02
CA LYS A 28 6.38 4.89 -1.27
C LYS A 28 5.55 3.97 -0.39
N CYS A 29 6.13 2.84 0.00
CA CYS A 29 5.44 1.88 0.85
C CYS A 29 5.62 2.23 2.33
N MET A 30 4.63 2.89 2.90
CA MET A 30 4.67 3.28 4.30
C MET A 30 4.23 2.15 5.21
N ASP A 31 4.46 2.29 6.50
CA ASP A 31 4.08 1.27 7.48
C ASP A 31 2.85 1.69 8.27
N CYS A 32 1.93 0.76 8.46
CA CYS A 32 0.70 1.03 9.21
C CYS A 32 1.01 1.62 10.58
N ALA A 33 2.19 1.27 11.11
CA ALA A 33 2.60 1.76 12.42
C ALA A 33 2.75 3.28 12.41
N SER A 34 3.01 3.83 11.24
CA SER A 34 3.19 5.28 11.09
C SER A 34 1.94 6.02 11.58
N CYS A 35 0.80 5.36 11.51
CA CYS A 35 -0.46 5.95 11.95
C CYS A 35 -0.34 6.51 13.36
N ARG A 36 0.52 5.91 14.17
CA ARG A 36 0.73 6.34 15.54
C ARG A 36 1.03 7.84 15.59
N ALA A 37 1.67 8.35 14.55
CA ALA A 37 2.01 9.76 14.49
C ALA A 37 1.19 10.47 13.41
N ARG A 38 0.85 9.74 12.35
CA ARG A 38 0.07 10.30 11.26
C ARG A 38 -1.23 9.53 11.07
N PRO A 39 -2.16 9.65 12.03
CA PRO A 39 -3.45 8.98 12.00
C PRO A 39 -4.37 9.54 10.92
N HIS A 40 -4.04 10.73 10.42
CA HIS A 40 -4.84 11.37 9.39
C HIS A 40 -4.06 11.44 8.07
N SER A 41 -3.57 10.29 7.61
CA SER A 41 -2.80 10.22 6.38
C SER A 41 -3.50 9.31 5.36
N ASP A 42 -3.22 9.55 4.08
CA ASP A 42 -3.82 8.75 3.02
C ASP A 42 -3.47 7.28 3.18
N PHE A 43 -2.18 6.99 3.29
CA PHE A 43 -1.72 5.61 3.44
C PHE A 43 -2.26 5.00 4.74
N CYS A 44 -2.51 5.86 5.72
CA CYS A 44 -3.02 5.41 7.01
C CYS A 44 -4.41 4.79 6.87
N LEU A 45 -5.33 5.55 6.27
CA LEU A 45 -6.70 5.07 6.07
C LEU A 45 -6.74 3.98 5.00
N GLY A 46 -5.82 4.07 4.04
CA GLY A 46 -5.78 3.09 2.97
C GLY A 46 -5.20 1.77 3.44
N CYS A 47 -4.33 1.81 4.43
CA CYS A 47 -3.70 0.60 4.96
C CYS A 47 -4.76 -0.43 5.34
N ALA A 48 -5.44 -0.19 6.45
CA ALA A 48 -6.47 -1.10 6.94
C ALA A 48 -7.57 -1.27 5.89
N ALA A 49 -8.19 -2.44 5.88
CA ALA A 49 -9.27 -2.74 4.93
C ALA A 49 -10.49 -3.29 5.65
N ALA A 50 -11.66 -2.71 5.34
CA ALA A 50 -12.90 -3.15 5.95
C ALA A 50 -14.10 -2.83 5.06
#